data_7WLF
#
_entry.id   7WLF
#
_cell.length_a   179.502
_cell.length_b   38.165
_cell.length_c   95.777
_cell.angle_alpha   90.000
_cell.angle_beta   105.080
_cell.angle_gamma   90.000
#
_symmetry.space_group_name_H-M   'C 1 2 1'
#
loop_
_entity.id
_entity.type
_entity.pdbx_description
1 polymer 'Serum albumin'
2 non-polymer GLYCEROL
3 non-polymer 1-pyridin-2-yl-~{N}-(pyridin-2-ylmethyl)-~{N}-[(6-pyridin-2-ylpyridin-2-yl)methyl]methanamine
4 non-polymer 'FE (III) ION'
5 non-polymer 'PALMITIC ACID'
6 non-polymer 'DIMETHYL SULFOXIDE'
7 non-polymer 'CHLORIDE ION'
8 water water
#
_entity_poly.entity_id   1
_entity_poly.type   'polypeptide(L)'
_entity_poly.pdbx_seq_one_letter_code
;DAHKSEVAHRFKDLGEENFKALVLIAFAQYLQQCPFEDHVKLVNEVTEFAKTCVADESAENCDKSLHTLFGDKLCTVATL
RETYGEMADCCAKQEPERNECFLQHKDDNPNLPRLVRPEVDVMCTAFHDNEETFLKKYLYEIARRHPYFYAPELLFFAKR
YKAAFTECCQAADKAACLLPKLDELRDEGKASSAKQRLKCASLQKFGERAFKAWAVARLSQRFPKAEFAEVSKLVTDLTK
VHTECCHGDLLECADDRADLAKYICENQDSISSKLKECCEKPLLEKSHCIAEVENDEMPADLPSLAADFVESKDVCKNYA
EAKDVFLGMFLYEYARRHPDYSVVLLLRLAKTYETTLEKCCAAADPHECYAKVFDEFKPLVEEPQNLIKQNCELFEQLGE
YKFQNALLVRYTKKVPQVSTPTLVEVSRNLGKVGSKCCKHPEAKRMPCAEDYLSVVLNQLCVLHEKTPVSDRVTKCCTES
LVNRRPCFSALEVDETYVPKEFNAETFTFHADICTLSEKERQIKKQTALVELVKHKPKATKEQLKAVMDDFAAFVEKCCK
ADDKETCFAEEGKKLVAASQAALGL
;
_entity_poly.pdbx_strand_id   A
#
loop_
_chem_comp.id
_chem_comp.type
_chem_comp.name
_chem_comp.formula
9IZ non-polymer 1-pyridin-2-yl-~{N}-(pyridin-2-ylmethyl)-~{N}-[(6-pyridin-2-ylpyridin-2-yl)methyl]methanamine 'C23 H21 N5'
CL non-polymer 'CHLORIDE ION' 'Cl -1'
DMS non-polymer 'DIMETHYL SULFOXIDE' 'C2 H6 O S'
FE non-polymer 'FE (III) ION' 'Fe 3'
GOL non-polymer GLYCEROL 'C3 H8 O3'
PLM non-polymer 'PALMITIC ACID' 'C16 H32 O2'
#
# COMPACT_ATOMS: atom_id res chain seq x y z
N ASP A 1 -34.73 -0.15 -18.51
CA ASP A 1 -33.50 -0.53 -19.19
C ASP A 1 -32.71 -1.54 -18.35
N ALA A 2 -32.34 -1.12 -17.14
CA ALA A 2 -31.83 -1.98 -16.08
C ALA A 2 -32.97 -2.28 -15.11
N HIS A 3 -32.62 -2.85 -13.95
CA HIS A 3 -33.62 -3.29 -12.97
C HIS A 3 -34.61 -2.16 -12.65
N LYS A 4 -35.83 -2.54 -12.24
CA LYS A 4 -36.86 -1.55 -11.88
C LYS A 4 -36.54 -0.87 -10.55
N SER A 5 -36.01 -1.61 -9.59
CA SER A 5 -35.58 -1.04 -8.32
C SER A 5 -34.10 -1.35 -8.12
N GLU A 6 -33.27 -0.32 -8.10
CA GLU A 6 -31.85 -0.52 -7.82
C GLU A 6 -31.61 -0.96 -6.38
N VAL A 7 -32.27 -0.32 -5.41
CA VAL A 7 -32.05 -0.64 -4.00
C VAL A 7 -32.39 -2.10 -3.70
N ALA A 8 -33.42 -2.64 -4.37
CA ALA A 8 -33.84 -4.00 -4.07
C ALA A 8 -32.83 -4.98 -4.61
N HIS A 9 -32.38 -4.74 -5.85
CA HIS A 9 -31.39 -5.60 -6.48
C HIS A 9 -30.16 -5.75 -5.61
N ARG A 10 -29.69 -4.65 -5.01
CA ARG A 10 -28.49 -4.66 -4.18
C ARG A 10 -28.73 -5.23 -2.79
N PHE A 11 -29.95 -5.08 -2.25
CA PHE A 11 -30.25 -5.68 -0.96
C PHE A 11 -30.23 -7.21 -1.06
N LYS A 12 -30.96 -7.77 -2.04
CA LYS A 12 -30.91 -9.21 -2.30
C LYS A 12 -29.52 -9.65 -2.75
N ASP A 13 -28.83 -8.80 -3.51
CA ASP A 13 -27.52 -9.18 -4.06
C ASP A 13 -26.48 -9.29 -2.96
N LEU A 14 -26.49 -8.35 -2.01
CA LEU A 14 -25.50 -8.23 -0.94
C LEU A 14 -25.89 -9.01 0.29
N GLY A 15 -27.17 -8.97 0.65
CA GLY A 15 -27.64 -9.39 1.95
C GLY A 15 -27.81 -8.20 2.87
N GLU A 16 -28.74 -8.34 3.82
CA GLU A 16 -29.04 -7.26 4.76
C GLU A 16 -27.80 -6.82 5.55
N GLU A 17 -27.04 -7.77 6.10
CA GLU A 17 -25.93 -7.35 6.95
C GLU A 17 -24.87 -6.59 6.16
N ASN A 18 -24.48 -7.11 4.99
CA ASN A 18 -23.51 -6.42 4.15
C ASN A 18 -24.03 -5.07 3.67
N PHE A 19 -25.32 -5.01 3.32
CA PHE A 19 -25.98 -3.75 2.99
C PHE A 19 -25.88 -2.74 4.14
N LYS A 20 -26.26 -3.13 5.36
CA LYS A 20 -26.21 -2.23 6.51
C LYS A 20 -24.80 -1.68 6.72
N ALA A 21 -23.81 -2.57 6.88
CA ALA A 21 -22.42 -2.13 6.98
C ALA A 21 -21.98 -1.25 5.79
N LEU A 22 -22.39 -1.60 4.57
CA LEU A 22 -21.90 -0.79 3.46
C LEU A 22 -22.60 0.56 3.38
N VAL A 23 -23.88 0.63 3.74
CA VAL A 23 -24.57 1.91 3.74
C VAL A 23 -23.92 2.85 4.75
N LEU A 24 -23.59 2.30 5.92
CA LEU A 24 -22.94 3.06 6.97
C LEU A 24 -21.55 3.53 6.56
N ILE A 25 -20.79 2.71 5.81
CA ILE A 25 -19.45 3.17 5.41
C ILE A 25 -19.56 4.33 4.44
N ALA A 26 -20.53 4.28 3.55
CA ALA A 26 -20.71 5.31 2.54
C ALA A 26 -21.08 6.65 3.18
N PHE A 27 -22.12 6.66 4.01
CA PHE A 27 -22.47 7.86 4.75
C PHE A 27 -21.36 8.30 5.73
N ALA A 28 -20.63 7.34 6.31
CA ALA A 28 -19.49 7.71 7.14
C ALA A 28 -18.43 8.45 6.35
N GLN A 29 -18.16 8.03 5.11
CA GLN A 29 -17.13 8.68 4.32
C GLN A 29 -17.56 10.05 3.81
N TYR A 30 -18.86 10.33 3.74
CA TYR A 30 -19.41 11.56 3.18
C TYR A 30 -19.81 12.59 4.25
N LEU A 31 -20.11 12.13 5.47
CA LEU A 31 -20.52 13.01 6.57
C LEU A 31 -19.67 12.66 7.78
N GLN A 32 -18.36 12.84 7.59
CA GLN A 32 -17.34 12.38 8.56
C GLN A 32 -17.44 13.02 9.93
N GLN A 33 -18.02 14.20 10.01
CA GLN A 33 -18.01 14.84 11.33
C GLN A 33 -19.34 14.61 12.04
N CYS A 34 -20.19 13.71 11.54
CA CYS A 34 -21.41 13.62 12.34
C CYS A 34 -21.30 12.51 13.37
N PRO A 35 -22.02 12.60 14.49
CA PRO A 35 -21.90 11.57 15.52
C PRO A 35 -22.24 10.19 14.98
N PHE A 36 -21.56 9.19 15.53
CA PHE A 36 -21.94 7.79 15.34
C PHE A 36 -23.45 7.62 15.33
N GLU A 37 -24.10 8.21 16.33
CA GLU A 37 -25.55 8.21 16.47
C GLU A 37 -26.28 8.47 15.15
N ASP A 38 -26.09 9.67 14.57
CA ASP A 38 -26.79 10.06 13.34
C ASP A 38 -26.78 8.96 12.28
N HIS A 39 -25.61 8.36 12.05
CA HIS A 39 -25.47 7.38 10.98
C HIS A 39 -26.37 6.17 11.24
N VAL A 40 -26.51 5.76 12.50
CA VAL A 40 -27.25 4.54 12.80
C VAL A 40 -28.73 4.70 12.43
N LYS A 41 -29.32 5.88 12.63
CA LYS A 41 -30.68 6.07 12.13
C LYS A 41 -30.70 6.09 10.62
N LEU A 42 -29.81 6.89 10.02
CA LEU A 42 -29.72 7.02 8.58
C LEU A 42 -29.65 5.65 7.93
N VAL A 43 -28.83 4.76 8.48
CA VAL A 43 -28.72 3.39 7.98
C VAL A 43 -30.00 2.61 8.26
N ASN A 44 -30.57 2.76 9.45
CA ASN A 44 -31.84 2.10 9.75
C ASN A 44 -32.94 2.53 8.76
N GLU A 45 -33.05 3.83 8.54
CA GLU A 45 -34.08 4.33 7.64
C GLU A 45 -33.85 3.84 6.21
N VAL A 46 -32.62 4.00 5.71
CA VAL A 46 -32.26 3.49 4.40
C VAL A 46 -32.58 2.00 4.31
N THR A 47 -32.38 1.26 5.40
CA THR A 47 -32.64 -0.18 5.41
C THR A 47 -34.13 -0.51 5.55
N GLU A 48 -34.91 0.30 6.28
CA GLU A 48 -36.37 0.11 6.26
C GLU A 48 -36.91 0.31 4.84
N PHE A 49 -36.49 1.39 4.20
CA PHE A 49 -36.99 1.71 2.86
C PHE A 49 -36.62 0.61 1.87
N ALA A 50 -35.38 0.12 1.94
CA ALA A 50 -34.95 -0.90 0.99
C ALA A 50 -35.81 -2.16 1.11
N LYS A 51 -36.24 -2.50 2.31
CA LYS A 51 -37.00 -3.77 2.48
C LYS A 51 -38.37 -3.64 1.81
N THR A 52 -38.92 -2.43 1.75
CA THR A 52 -40.27 -2.23 1.14
C THR A 52 -40.16 -2.48 -0.36
N CYS A 53 -38.98 -2.22 -0.91
CA CYS A 53 -38.75 -2.42 -2.36
C CYS A 53 -38.48 -3.89 -2.65
N VAL A 54 -37.91 -4.61 -1.68
CA VAL A 54 -37.71 -6.08 -1.88
C VAL A 54 -39.09 -6.71 -1.91
N ALA A 55 -40.01 -6.23 -1.06
CA ALA A 55 -41.39 -6.74 -1.06
C ALA A 55 -42.08 -6.37 -2.37
N ASP A 56 -41.95 -5.12 -2.80
CA ASP A 56 -42.60 -4.65 -4.05
C ASP A 56 -41.65 -3.69 -4.77
N GLU A 57 -41.10 -4.10 -5.90
CA GLU A 57 -40.12 -3.26 -6.63
C GLU A 57 -40.85 -2.08 -7.28
N SER A 58 -42.18 -2.15 -7.35
CA SER A 58 -42.97 -1.03 -7.91
C SER A 58 -43.60 -0.26 -6.75
N ALA A 59 -43.02 -0.39 -5.56
CA ALA A 59 -43.54 0.40 -4.41
C ALA A 59 -43.01 1.83 -4.47
N GLU A 60 -43.34 2.63 -3.47
CA GLU A 60 -42.95 4.06 -3.49
C GLU A 60 -41.46 4.29 -3.64
N ASN A 61 -41.08 5.18 -4.56
CA ASN A 61 -39.66 5.62 -4.66
C ASN A 61 -38.65 4.51 -4.95
N CYS A 62 -39.08 3.27 -5.16
CA CYS A 62 -38.07 2.24 -5.39
C CYS A 62 -37.47 2.31 -6.78
N ASP A 63 -37.99 3.15 -7.67
CA ASP A 63 -37.43 3.20 -9.00
C ASP A 63 -36.36 4.26 -9.15
N LYS A 64 -35.96 4.96 -8.07
CA LYS A 64 -34.89 5.93 -8.24
C LYS A 64 -33.53 5.29 -8.10
N SER A 65 -32.59 5.75 -8.92
CA SER A 65 -31.22 5.24 -8.87
C SER A 65 -30.68 5.45 -7.47
N LEU A 66 -29.84 4.51 -7.05
CA LEU A 66 -29.26 4.61 -5.71
C LEU A 66 -28.58 5.95 -5.51
N HIS A 67 -27.95 6.49 -6.56
CA HIS A 67 -27.35 7.81 -6.49
C HIS A 67 -28.34 8.85 -6.02
N THR A 68 -29.55 8.81 -6.57
CA THR A 68 -30.60 9.73 -6.15
C THR A 68 -30.97 9.50 -4.70
N LEU A 69 -31.15 8.23 -4.32
CA LEU A 69 -31.42 7.91 -2.93
C LEU A 69 -30.31 8.42 -2.02
N PHE A 70 -29.05 8.30 -2.46
CA PHE A 70 -27.93 8.66 -1.59
C PHE A 70 -27.89 10.14 -1.30
N GLY A 71 -28.01 10.97 -2.35
CA GLY A 71 -28.05 12.39 -2.15
C GLY A 71 -29.27 12.83 -1.39
N ASP A 72 -30.41 12.14 -1.62
CA ASP A 72 -31.66 12.55 -0.98
C ASP A 72 -31.54 12.45 0.55
N LYS A 73 -30.85 11.40 1.03
CA LYS A 73 -30.60 11.24 2.47
C LYS A 73 -29.61 12.27 2.98
N LEU A 74 -28.54 12.50 2.21
CA LEU A 74 -27.49 13.47 2.64
C LEU A 74 -28.15 14.83 2.89
N CYS A 75 -29.17 15.17 2.11
CA CYS A 75 -29.77 16.52 2.20
C CYS A 75 -30.88 16.59 3.25
N THR A 76 -31.20 15.48 3.90
CA THR A 76 -32.21 15.50 4.98
C THR A 76 -31.51 15.88 6.29
N VAL A 77 -30.20 15.68 6.36
CA VAL A 77 -29.42 16.08 7.57
C VAL A 77 -29.57 17.59 7.76
N ALA A 78 -30.04 18.02 8.92
CA ALA A 78 -30.33 19.46 9.13
C ALA A 78 -29.09 20.24 9.54
N THR A 79 -28.11 19.55 10.13
CA THR A 79 -26.85 20.22 10.54
C THR A 79 -25.92 20.37 9.34
N LEU A 80 -26.31 19.89 8.17
CA LEU A 80 -25.42 19.90 6.96
C LEU A 80 -24.92 21.32 6.67
N ARG A 81 -25.75 22.33 6.83
CA ARG A 81 -25.34 23.72 6.47
C ARG A 81 -24.32 24.25 7.48
N GLU A 82 -24.51 23.94 8.76
CA GLU A 82 -23.60 24.54 9.76
C GLU A 82 -22.33 23.70 9.88
N THR A 83 -22.47 22.38 9.86
CA THR A 83 -21.29 21.52 10.10
C THR A 83 -20.50 21.29 8.81
N TYR A 84 -21.16 21.24 7.65
CA TYR A 84 -20.42 20.91 6.41
C TYR A 84 -20.34 22.15 5.53
N GLY A 85 -21.17 23.15 5.84
CA GLY A 85 -21.07 24.43 5.12
C GLY A 85 -21.41 24.34 3.65
N GLU A 86 -20.42 24.62 2.81
CA GLU A 86 -20.66 24.63 1.38
C GLU A 86 -20.96 23.24 0.83
N MET A 87 -20.87 22.19 1.65
CA MET A 87 -21.29 20.89 1.16
C MET A 87 -22.81 20.81 1.04
N ALA A 88 -23.52 21.61 1.85
CA ALA A 88 -24.97 21.67 1.78
C ALA A 88 -25.46 22.37 0.52
N ASP A 89 -24.64 23.24 -0.08
CA ASP A 89 -25.05 23.92 -1.30
C ASP A 89 -25.18 22.96 -2.47
N CYS A 90 -24.60 21.76 -2.37
CA CYS A 90 -24.78 20.75 -3.41
C CYS A 90 -26.21 20.27 -3.51
N CYS A 91 -27.02 20.46 -2.47
CA CYS A 91 -28.42 20.06 -2.54
C CYS A 91 -29.21 20.99 -3.45
N ALA A 92 -28.72 22.21 -3.65
CA ALA A 92 -29.42 23.13 -4.57
C ALA A 92 -29.34 22.58 -5.99
N LYS A 93 -28.40 21.66 -6.24
CA LYS A 93 -28.22 21.12 -7.61
C LYS A 93 -29.12 19.90 -7.82
N GLN A 94 -29.21 19.45 -9.07
CA GLN A 94 -30.03 18.24 -9.37
C GLN A 94 -29.10 17.19 -9.98
N GLU A 95 -29.56 15.95 -10.03
CA GLU A 95 -28.72 14.85 -10.54
C GLU A 95 -28.59 15.00 -12.07
N PRO A 96 -27.40 14.85 -12.67
CA PRO A 96 -26.24 14.23 -12.02
C PRO A 96 -25.23 15.17 -11.35
N GLU A 97 -25.49 16.49 -11.37
CA GLU A 97 -24.48 17.45 -10.83
C GLU A 97 -24.42 17.31 -9.31
N ARG A 98 -25.54 17.00 -8.66
CA ARG A 98 -25.56 16.92 -7.18
C ARG A 98 -24.55 15.89 -6.69
N ASN A 99 -24.61 14.68 -7.22
CA ASN A 99 -23.68 13.61 -6.76
C ASN A 99 -22.26 14.07 -7.05
N GLU A 100 -22.02 14.57 -8.26
CA GLU A 100 -20.66 14.99 -8.65
C GLU A 100 -20.23 16.09 -7.69
N CYS A 101 -21.18 16.82 -7.11
CA CYS A 101 -20.86 17.90 -6.19
C CYS A 101 -20.53 17.37 -4.79
N PHE A 102 -21.32 16.44 -4.28
CA PHE A 102 -20.94 15.76 -3.04
C PHE A 102 -19.61 15.04 -3.20
N LEU A 103 -19.32 14.58 -4.41
CA LEU A 103 -18.11 13.82 -4.67
C LEU A 103 -16.86 14.63 -4.38
N GLN A 104 -16.90 15.93 -4.60
CA GLN A 104 -15.70 16.76 -4.49
C GLN A 104 -15.65 17.59 -3.21
N HIS A 105 -16.43 17.20 -2.21
CA HIS A 105 -16.36 17.78 -0.88
C HIS A 105 -16.04 16.74 0.16
N LYS A 106 -15.92 15.48 -0.25
CA LYS A 106 -15.22 14.51 0.57
C LYS A 106 -13.88 15.11 0.97
N ASP A 107 -13.56 15.01 2.26
CA ASP A 107 -12.36 15.66 2.79
C ASP A 107 -11.25 14.64 2.87
N ASP A 108 -10.23 14.77 2.02
CA ASP A 108 -9.16 13.76 1.95
C ASP A 108 -8.63 13.44 3.35
N ASN A 109 -8.15 14.45 4.06
CA ASN A 109 -7.56 14.22 5.40
C ASN A 109 -8.19 15.20 6.39
N PRO A 110 -9.30 14.83 7.06
CA PRO A 110 -9.97 15.72 8.01
C PRO A 110 -9.24 15.81 9.36
N ASN A 111 -9.79 16.55 10.31
CA ASN A 111 -9.06 16.76 11.60
C ASN A 111 -9.73 15.98 12.72
N LEU A 112 -9.34 14.73 12.91
CA LEU A 112 -9.88 13.85 13.92
C LEU A 112 -8.75 13.34 14.80
N PRO A 113 -9.00 13.11 16.08
CA PRO A 113 -7.94 12.56 16.94
C PRO A 113 -7.58 11.16 16.48
N ARG A 114 -6.33 10.76 16.74
CA ARG A 114 -5.97 9.38 16.43
C ARG A 114 -6.65 8.44 17.43
N LEU A 115 -7.23 7.36 16.92
CA LEU A 115 -7.96 6.43 17.76
C LEU A 115 -6.97 5.77 18.71
N VAL A 116 -7.21 5.89 20.01
CA VAL A 116 -6.39 5.19 21.00
C VAL A 116 -6.99 3.82 21.25
N ARG A 117 -6.18 2.79 21.07
CA ARG A 117 -6.56 1.38 21.21
C ARG A 117 -6.71 0.99 22.68
N PRO A 118 -7.95 0.83 23.17
CA PRO A 118 -8.14 0.50 24.59
C PRO A 118 -7.50 -0.84 24.95
N GLU A 119 -7.44 -1.15 26.24
CA GLU A 119 -6.76 -2.37 26.67
C GLU A 119 -7.59 -3.61 26.32
N VAL A 120 -6.88 -4.73 26.16
CA VAL A 120 -7.47 -5.99 25.74
C VAL A 120 -8.57 -6.47 26.71
N ASP A 121 -8.43 -6.18 28.00
CA ASP A 121 -9.53 -6.50 28.90
C ASP A 121 -10.80 -5.76 28.46
N VAL A 122 -10.68 -4.46 28.20
CA VAL A 122 -11.85 -3.63 27.99
C VAL A 122 -12.42 -3.75 26.56
N MET A 123 -11.58 -4.08 25.57
CA MET A 123 -12.05 -4.37 24.21
C MET A 123 -12.89 -5.63 24.16
N CYS A 124 -12.37 -6.73 24.73
CA CYS A 124 -13.07 -8.01 24.70
C CYS A 124 -14.37 -7.93 25.48
N THR A 125 -14.34 -7.24 26.62
CA THR A 125 -15.56 -7.11 27.41
C THR A 125 -16.60 -6.28 26.67
N ALA A 126 -16.16 -5.29 25.89
CA ALA A 126 -17.10 -4.47 25.11
C ALA A 126 -17.64 -5.27 23.91
N PHE A 127 -16.79 -6.07 23.27
CA PHE A 127 -17.20 -6.88 22.11
C PHE A 127 -18.27 -7.89 22.52
N HIS A 128 -18.25 -8.30 23.79
CA HIS A 128 -19.23 -9.30 24.27
C HIS A 128 -20.57 -8.61 24.56
N ASP A 129 -20.55 -7.57 25.37
CA ASP A 129 -21.81 -6.90 25.78
C ASP A 129 -22.60 -6.46 24.55
N ASN A 130 -21.96 -5.81 23.58
CA ASN A 130 -22.65 -5.44 22.32
C ASN A 130 -21.68 -5.58 21.15
N GLU A 131 -21.68 -6.76 20.51
CA GLU A 131 -20.79 -7.02 19.36
C GLU A 131 -21.09 -6.03 18.25
N GLU A 132 -22.36 -5.88 17.91
CA GLU A 132 -22.76 -5.01 16.79
C GLU A 132 -22.19 -3.60 16.98
N THR A 133 -22.54 -2.95 18.08
CA THR A 133 -22.11 -1.54 18.29
C THR A 133 -20.59 -1.45 18.23
N PHE A 134 -19.89 -2.35 18.92
CA PHE A 134 -18.41 -2.32 18.97
C PHE A 134 -17.83 -2.31 17.56
N LEU A 135 -18.22 -3.28 16.74
CA LEU A 135 -17.60 -3.43 15.40
C LEU A 135 -18.04 -2.34 14.43
N LYS A 136 -19.27 -1.84 14.57
CA LYS A 136 -19.78 -0.85 13.61
C LYS A 136 -19.28 0.55 13.98
N LYS A 137 -19.09 0.83 15.26
CA LYS A 137 -18.55 2.16 15.66
C LYS A 137 -17.14 2.28 15.11
N TYR A 138 -16.37 1.20 15.18
CA TYR A 138 -14.98 1.24 14.72
C TYR A 138 -14.95 1.33 13.18
N LEU A 139 -15.94 0.72 12.53
CA LEU A 139 -16.06 0.85 11.06
C LEU A 139 -16.34 2.32 10.75
N TYR A 140 -17.22 2.95 11.52
CA TYR A 140 -17.57 4.38 11.33
C TYR A 140 -16.32 5.24 11.55
N GLU A 141 -15.55 4.93 12.58
CA GLU A 141 -14.38 5.76 12.91
C GLU A 141 -13.34 5.64 11.80
N ILE A 142 -13.13 4.45 11.28
CA ILE A 142 -12.07 4.26 10.26
C ILE A 142 -12.52 4.86 8.94
N ALA A 143 -13.80 4.76 8.61
CA ALA A 143 -14.28 5.26 7.30
C ALA A 143 -14.26 6.79 7.28
N ARG A 144 -14.50 7.42 8.43
CA ARG A 144 -14.53 8.89 8.49
C ARG A 144 -13.10 9.41 8.41
N ARG A 145 -12.13 8.55 8.69
CA ARG A 145 -10.70 8.95 8.60
C ARG A 145 -10.13 8.55 7.23
N HIS A 146 -10.72 7.54 6.58
CA HIS A 146 -10.27 7.10 5.24
C HIS A 146 -11.46 7.21 4.28
N PRO A 147 -11.79 8.42 3.76
CA PRO A 147 -12.99 8.61 2.95
C PRO A 147 -12.94 7.98 1.55
N TYR A 148 -11.75 7.69 1.05
CA TYR A 148 -11.64 7.16 -0.33
C TYR A 148 -11.29 5.68 -0.28
N PHE A 149 -11.23 5.12 0.93
CA PHE A 149 -10.98 3.66 1.04
C PHE A 149 -12.21 2.94 0.50
N TYR A 150 -12.02 2.10 -0.52
CA TYR A 150 -13.12 1.34 -1.13
C TYR A 150 -13.93 0.65 -0.02
N ALA A 151 -15.23 0.94 0.05
CA ALA A 151 -16.08 0.39 1.12
C ALA A 151 -16.06 -1.14 1.19
N PRO A 152 -16.30 -1.93 0.11
CA PRO A 152 -16.25 -3.37 0.24
C PRO A 152 -14.93 -3.85 0.89
N GLU A 153 -13.81 -3.22 0.54
CA GLU A 153 -12.49 -3.61 1.13
C GLU A 153 -12.45 -3.28 2.62
N LEU A 154 -13.04 -2.15 3.03
CA LEU A 154 -13.09 -1.81 4.47
C LEU A 154 -13.92 -2.86 5.20
N LEU A 155 -15.00 -3.34 4.58
CA LEU A 155 -15.85 -4.37 5.21
C LEU A 155 -15.05 -5.66 5.38
N PHE A 156 -14.15 -5.95 4.44
CA PHE A 156 -13.36 -7.21 4.50
C PHE A 156 -12.40 -7.14 5.68
N PHE A 157 -11.86 -5.96 5.96
CA PHE A 157 -10.92 -5.79 7.10
C PHE A 157 -11.69 -5.90 8.42
N ALA A 158 -12.92 -5.41 8.44
CA ALA A 158 -13.76 -5.45 9.66
C ALA A 158 -14.11 -6.88 10.01
N LYS A 159 -14.29 -7.72 9.00
CA LYS A 159 -14.68 -9.14 9.23
C LYS A 159 -13.45 -9.88 9.75
N ARG A 160 -12.27 -9.46 9.31
CA ARG A 160 -11.02 -10.08 9.79
C ARG A 160 -10.79 -9.65 11.24
N TYR A 161 -11.07 -8.38 11.53
CA TYR A 161 -10.91 -7.86 12.90
C TYR A 161 -11.87 -8.61 13.82
N LYS A 162 -13.11 -8.79 13.37
CA LYS A 162 -14.12 -9.53 14.17
C LYS A 162 -13.59 -10.94 14.45
N ALA A 163 -12.95 -11.56 13.46
CA ALA A 163 -12.44 -12.93 13.63
C ALA A 163 -11.38 -12.95 14.73
N ALA A 164 -10.49 -11.96 14.72
CA ALA A 164 -9.46 -11.88 15.79
C ALA A 164 -10.15 -11.79 17.15
N PHE A 165 -11.13 -10.91 17.27
CA PHE A 165 -11.81 -10.71 18.57
C PHE A 165 -12.49 -12.01 19.00
N THR A 166 -13.26 -12.64 18.12
CA THR A 166 -14.01 -13.86 18.52
C THR A 166 -13.05 -14.95 19.01
N GLU A 167 -11.82 -14.97 18.50
CA GLU A 167 -10.89 -16.07 18.85
C GLU A 167 -10.03 -15.70 20.04
N CYS A 168 -9.34 -14.56 20.00
CA CYS A 168 -8.37 -14.22 21.06
C CYS A 168 -9.05 -13.76 22.35
N CYS A 169 -10.34 -13.45 22.31
CA CYS A 169 -11.00 -12.90 23.54
C CYS A 169 -11.47 -14.04 24.44
N GLN A 170 -11.13 -15.28 24.09
CA GLN A 170 -11.46 -16.43 24.98
C GLN A 170 -10.19 -17.26 25.15
N ALA A 171 -9.07 -16.60 25.49
CA ALA A 171 -7.78 -17.30 25.60
C ALA A 171 -7.14 -16.99 26.96
N ALA A 172 -6.08 -17.74 27.31
CA ALA A 172 -5.36 -17.46 28.56
C ALA A 172 -4.59 -16.15 28.66
N ASP A 173 -3.73 -15.88 27.67
CA ASP A 173 -3.22 -14.50 27.46
C ASP A 173 -3.92 -13.94 26.22
N LYS A 174 -5.01 -13.24 26.44
CA LYS A 174 -5.77 -12.64 25.31
C LYS A 174 -4.85 -11.71 24.53
N ALA A 175 -4.06 -10.92 25.24
CA ALA A 175 -3.19 -9.92 24.56
C ALA A 175 -2.13 -10.62 23.71
N ALA A 176 -1.65 -11.78 24.14
CA ALA A 176 -0.65 -12.54 23.36
C ALA A 176 -1.21 -12.91 22.00
N CYS A 177 -2.54 -13.01 21.88
CA CYS A 177 -3.19 -13.38 20.60
C CYS A 177 -3.68 -12.12 19.89
N LEU A 178 -4.38 -11.24 20.60
CA LEU A 178 -5.03 -10.08 19.96
C LEU A 178 -4.04 -9.06 19.43
N LEU A 179 -3.12 -8.62 20.27
CA LEU A 179 -2.23 -7.51 19.86
C LEU A 179 -1.44 -7.84 18.58
N PRO A 180 -0.66 -8.96 18.41
CA PRO A 180 0.01 -9.14 17.10
C PRO A 180 -0.96 -9.17 15.94
N LYS A 181 -2.18 -9.65 16.17
CA LYS A 181 -3.15 -9.74 15.10
C LYS A 181 -3.69 -8.35 14.73
N LEU A 182 -3.76 -7.41 15.68
CA LEU A 182 -4.22 -6.08 15.32
C LEU A 182 -3.11 -5.24 14.73
N ASP A 183 -1.88 -5.53 15.11
CA ASP A 183 -0.73 -4.81 14.53
C ASP A 183 -0.57 -5.28 13.09
N GLU A 184 -0.72 -6.58 12.86
CA GLU A 184 -0.54 -7.13 11.49
C GLU A 184 -1.57 -6.52 10.55
N LEU A 185 -2.85 -6.53 10.94
CA LEU A 185 -3.87 -6.05 9.98
C LEU A 185 -4.14 -4.55 10.10
N ARG A 186 -3.40 -3.85 10.95
CA ARG A 186 -3.49 -2.36 10.94
C ARG A 186 -2.39 -1.92 9.99
N ASP A 187 -1.22 -2.56 10.08
CA ASP A 187 -0.15 -2.25 9.11
C ASP A 187 -0.68 -2.63 7.74
N GLU A 188 -1.40 -3.74 7.63
CA GLU A 188 -2.01 -4.15 6.34
C GLU A 188 -3.01 -3.07 5.89
N GLY A 189 -3.83 -2.56 6.82
CA GLY A 189 -4.80 -1.54 6.46
C GLY A 189 -4.14 -0.23 6.06
N LYS A 190 -3.04 0.11 6.71
CA LYS A 190 -2.25 1.26 6.30
C LYS A 190 -1.55 1.01 4.96
N ALA A 191 -1.10 -0.23 4.72
CA ALA A 191 -0.42 -0.54 3.47
C ALA A 191 -1.41 -0.57 2.31
N SER A 192 -2.66 -0.96 2.55
CA SER A 192 -3.65 -0.97 1.50
C SER A 192 -4.20 0.43 1.20
N SER A 193 -4.32 1.27 2.22
CA SER A 193 -4.65 2.66 1.98
C SER A 193 -3.61 3.32 1.11
N ALA A 194 -2.35 2.97 1.32
CA ALA A 194 -1.27 3.56 0.54
C ALA A 194 -1.27 3.05 -0.91
N LYS A 195 -1.50 1.76 -1.13
CA LYS A 195 -1.60 1.25 -2.50
C LYS A 195 -2.68 1.98 -3.29
N GLN A 196 -3.82 2.27 -2.65
CA GLN A 196 -4.94 2.89 -3.33
C GLN A 196 -4.63 4.33 -3.73
N ARG A 197 -3.95 5.06 -2.87
CA ARG A 197 -3.56 6.43 -3.21
C ARG A 197 -2.47 6.42 -4.29
N LEU A 198 -1.48 5.52 -4.15
CA LEU A 198 -0.40 5.43 -5.13
C LEU A 198 -0.93 5.18 -6.54
N LYS A 199 -1.72 4.12 -6.74
CA LYS A 199 -2.17 3.77 -8.10
C LYS A 199 -2.89 4.94 -8.77
N CYS A 200 -3.76 5.64 -8.02
CA CYS A 200 -4.53 6.75 -8.56
C CYS A 200 -3.64 7.90 -9.01
N ALA A 201 -2.65 8.25 -8.17
CA ALA A 201 -1.66 9.24 -8.57
C ALA A 201 -0.80 8.75 -9.73
N SER A 202 -0.47 7.45 -9.73
CA SER A 202 0.34 6.87 -10.80
C SER A 202 -0.34 7.03 -12.14
N LEU A 203 -1.64 6.72 -12.18
CA LEU A 203 -2.50 6.93 -13.34
C LEU A 203 -2.17 8.24 -14.05
N GLN A 204 -2.07 9.33 -13.30
CA GLN A 204 -1.94 10.65 -13.90
C GLN A 204 -0.55 11.26 -13.82
N LYS A 205 0.29 10.87 -12.86
CA LYS A 205 1.64 11.45 -12.76
C LYS A 205 2.62 10.84 -13.78
N PHE A 206 2.42 9.58 -14.19
CA PHE A 206 3.29 8.96 -15.19
C PHE A 206 2.62 8.74 -16.55
N GLY A 207 1.30 8.77 -16.63
CA GLY A 207 0.64 8.60 -17.90
C GLY A 207 -0.20 7.32 -17.96
N GLU A 208 -1.11 7.28 -18.92
CA GLU A 208 -1.92 6.08 -19.12
C GLU A 208 -1.09 4.99 -19.79
N ARG A 209 -0.19 5.37 -20.69
CA ARG A 209 0.65 4.39 -21.36
C ARG A 209 1.59 3.72 -20.36
N ALA A 210 2.11 4.49 -19.40
CA ALA A 210 2.91 3.87 -18.34
C ALA A 210 2.04 2.93 -17.51
N PHE A 211 0.88 3.43 -17.07
CA PHE A 211 -0.08 2.60 -16.37
C PHE A 211 -0.47 1.36 -17.18
N LYS A 212 -0.81 1.56 -18.47
CA LYS A 212 -1.25 0.46 -19.31
C LYS A 212 -0.14 -0.59 -19.48
N ALA A 213 1.11 -0.14 -19.56
CA ALA A 213 2.23 -1.08 -19.64
C ALA A 213 2.38 -1.83 -18.32
N TRP A 214 2.23 -1.13 -17.20
CA TRP A 214 2.22 -1.80 -15.91
C TRP A 214 1.22 -2.94 -15.90
N ALA A 215 -0.03 -2.66 -16.30
CA ALA A 215 -1.05 -3.69 -16.12
C ALA A 215 -0.89 -4.82 -17.14
N VAL A 216 -0.39 -4.50 -18.33
CA VAL A 216 0.02 -5.56 -19.27
C VAL A 216 1.01 -6.49 -18.60
N ALA A 217 2.07 -5.93 -18.01
CA ALA A 217 3.05 -6.76 -17.35
C ALA A 217 2.42 -7.61 -16.25
N ARG A 218 1.66 -6.97 -15.34
CA ARG A 218 1.13 -7.69 -14.20
C ARG A 218 0.18 -8.79 -14.66
N LEU A 219 -0.72 -8.48 -15.59
CA LEU A 219 -1.69 -9.49 -16.01
C LEU A 219 -1.01 -10.66 -16.70
N SER A 220 0.10 -10.42 -17.39
CA SER A 220 0.81 -11.52 -18.03
C SER A 220 1.48 -12.45 -17.02
N GLN A 221 2.00 -11.92 -15.91
CA GLN A 221 2.49 -12.80 -14.84
C GLN A 221 1.36 -13.63 -14.25
N ARG A 222 0.20 -13.00 -13.99
CA ARG A 222 -0.90 -13.71 -13.36
C ARG A 222 -1.49 -14.78 -14.27
N PHE A 223 -1.69 -14.47 -15.55
CA PHE A 223 -2.38 -15.36 -16.49
C PHE A 223 -1.46 -15.68 -17.68
N PRO A 224 -0.51 -16.62 -17.50
CA PRO A 224 0.39 -16.94 -18.61
C PRO A 224 -0.23 -17.84 -19.67
N LYS A 225 -1.30 -18.58 -19.34
CA LYS A 225 -2.02 -19.43 -20.31
C LYS A 225 -3.16 -18.69 -20.97
N ALA A 226 -2.92 -17.45 -21.38
CA ALA A 226 -3.93 -16.59 -21.97
C ALA A 226 -3.32 -15.85 -23.15
N GLU A 227 -4.15 -15.49 -24.12
CA GLU A 227 -3.61 -14.90 -25.34
C GLU A 227 -3.38 -13.41 -25.12
N PHE A 228 -2.40 -12.86 -25.84
CA PHE A 228 -2.12 -11.43 -25.75
C PHE A 228 -3.36 -10.62 -26.01
N ALA A 229 -4.30 -11.17 -26.79
CA ALA A 229 -5.48 -10.42 -27.17
C ALA A 229 -6.52 -10.46 -26.07
N GLU A 230 -6.57 -11.56 -25.31
CA GLU A 230 -7.34 -11.55 -24.07
C GLU A 230 -6.70 -10.62 -23.03
N VAL A 231 -5.37 -10.69 -22.89
CA VAL A 231 -4.71 -9.81 -21.92
C VAL A 231 -4.97 -8.35 -22.26
N SER A 232 -4.90 -8.00 -23.54
CA SER A 232 -5.08 -6.59 -23.85
C SER A 232 -6.53 -6.17 -23.82
N LYS A 233 -7.46 -7.12 -23.97
CA LYS A 233 -8.84 -6.80 -23.63
C LYS A 233 -8.91 -6.41 -22.16
N LEU A 234 -8.26 -7.21 -21.31
CA LEU A 234 -8.40 -7.04 -19.87
C LEU A 234 -7.68 -5.78 -19.40
N VAL A 235 -6.53 -5.46 -19.98
CA VAL A 235 -5.85 -4.19 -19.70
C VAL A 235 -6.78 -3.00 -19.97
N THR A 236 -7.53 -3.06 -21.08
CA THR A 236 -8.40 -1.94 -21.44
C THR A 236 -9.59 -1.80 -20.49
N ASP A 237 -10.25 -2.91 -20.14
CA ASP A 237 -11.34 -2.87 -19.18
C ASP A 237 -10.86 -2.39 -17.80
N LEU A 238 -9.65 -2.80 -17.42
CA LEU A 238 -9.13 -2.48 -16.10
C LEU A 238 -8.85 -0.99 -15.98
N THR A 239 -8.39 -0.37 -17.08
CA THR A 239 -8.12 1.06 -17.08
C THR A 239 -9.40 1.86 -16.97
N LYS A 240 -10.46 1.42 -17.65
CA LYS A 240 -11.77 2.01 -17.41
C LYS A 240 -12.11 1.96 -15.93
N VAL A 241 -11.92 0.79 -15.30
CA VAL A 241 -12.31 0.58 -13.90
C VAL A 241 -11.56 1.54 -12.99
N HIS A 242 -10.22 1.47 -13.01
CA HIS A 242 -9.39 2.31 -12.16
C HIS A 242 -9.66 3.79 -12.38
N THR A 243 -10.07 4.19 -13.60
CA THR A 243 -10.30 5.61 -13.87
C THR A 243 -11.55 6.12 -13.18
N GLU A 244 -12.62 5.31 -13.15
CA GLU A 244 -13.82 5.75 -12.45
C GLU A 244 -13.76 5.46 -10.96
N CYS A 245 -12.92 4.51 -10.54
CA CYS A 245 -12.73 4.30 -9.10
C CYS A 245 -11.93 5.44 -8.49
N CYS A 246 -10.79 5.79 -9.09
CA CYS A 246 -10.00 6.91 -8.59
C CYS A 246 -10.81 8.20 -8.60
N HIS A 247 -11.72 8.34 -9.56
CA HIS A 247 -12.60 9.50 -9.60
C HIS A 247 -13.41 9.64 -8.29
N GLY A 248 -13.91 8.52 -7.76
CA GLY A 248 -14.39 8.49 -6.39
C GLY A 248 -15.81 7.99 -6.16
N ASP A 249 -16.57 7.76 -7.24
CA ASP A 249 -17.97 7.35 -7.11
C ASP A 249 -18.06 5.87 -6.76
N LEU A 250 -18.53 5.57 -5.54
CA LEU A 250 -18.57 4.20 -5.04
C LEU A 250 -19.41 3.28 -5.91
N LEU A 251 -20.65 3.69 -6.16
CA LEU A 251 -21.55 2.91 -7.01
C LEU A 251 -20.95 2.66 -8.39
N GLU A 252 -20.47 3.73 -9.05
CA GLU A 252 -19.88 3.60 -10.38
C GLU A 252 -18.67 2.68 -10.37
N CYS A 253 -17.84 2.79 -9.33
CA CYS A 253 -16.65 1.94 -9.23
C CYS A 253 -17.02 0.48 -8.97
N ALA A 254 -18.12 0.24 -8.24
CA ALA A 254 -18.47 -1.11 -7.85
C ALA A 254 -19.17 -1.85 -8.98
N ASP A 255 -20.05 -1.14 -9.70
CA ASP A 255 -20.63 -1.71 -10.92
C ASP A 255 -19.55 -2.12 -11.89
N ASP A 256 -18.64 -1.18 -12.23
CA ASP A 256 -17.53 -1.48 -13.14
C ASP A 256 -16.70 -2.65 -12.64
N ARG A 257 -16.52 -2.77 -11.33
CA ARG A 257 -15.72 -3.87 -10.81
C ARG A 257 -16.46 -5.20 -10.94
N ALA A 258 -17.77 -5.20 -10.68
CA ALA A 258 -18.55 -6.44 -10.73
C ALA A 258 -18.67 -6.96 -12.15
N ASP A 259 -18.92 -6.06 -13.12
CA ASP A 259 -19.02 -6.48 -14.52
C ASP A 259 -17.74 -7.16 -14.99
N LEU A 260 -16.57 -6.66 -14.54
CA LEU A 260 -15.29 -7.24 -14.93
C LEU A 260 -15.07 -8.62 -14.31
N ALA A 261 -15.51 -8.81 -13.07
CA ALA A 261 -15.41 -10.11 -12.44
C ALA A 261 -16.35 -11.10 -13.11
N LYS A 262 -17.55 -10.64 -13.48
CA LYS A 262 -18.50 -11.49 -14.19
C LYS A 262 -17.94 -11.90 -15.54
N TYR A 263 -17.37 -10.95 -16.27
CA TYR A 263 -16.71 -11.28 -17.52
C TYR A 263 -15.56 -12.26 -17.30
N ILE A 264 -14.64 -11.95 -16.38
CA ILE A 264 -13.52 -12.84 -16.11
C ILE A 264 -14.01 -14.25 -15.78
N CYS A 265 -15.13 -14.36 -15.07
CA CYS A 265 -15.55 -15.67 -14.59
C CYS A 265 -16.28 -16.46 -15.67
N GLU A 266 -16.90 -15.78 -16.63
CA GLU A 266 -17.47 -16.48 -17.77
C GLU A 266 -16.36 -17.03 -18.66
N ASN A 267 -15.39 -16.18 -18.98
CA ASN A 267 -14.27 -16.52 -19.85
C ASN A 267 -13.08 -17.09 -19.09
N GLN A 268 -13.34 -17.83 -18.01
CA GLN A 268 -12.30 -18.49 -17.24
C GLN A 268 -11.31 -19.22 -18.13
N ASP A 269 -11.82 -20.00 -19.09
CA ASP A 269 -11.02 -21.01 -19.79
C ASP A 269 -9.89 -20.40 -20.59
N SER A 270 -10.13 -19.26 -21.22
CA SER A 270 -9.11 -18.58 -22.00
C SER A 270 -8.26 -17.63 -21.15
N ILE A 271 -8.48 -17.58 -19.83
CA ILE A 271 -7.83 -16.63 -18.93
C ILE A 271 -6.83 -17.32 -18.01
N SER A 272 -7.31 -18.12 -17.06
CA SER A 272 -6.45 -18.86 -16.13
C SER A 272 -7.27 -19.91 -15.41
N SER A 273 -6.61 -21.00 -15.02
CA SER A 273 -7.25 -22.15 -14.38
C SER A 273 -7.19 -22.11 -12.86
N LYS A 274 -6.51 -21.10 -12.30
CA LYS A 274 -6.42 -20.87 -10.87
C LYS A 274 -7.64 -20.17 -10.32
N LEU A 275 -8.74 -20.13 -11.08
CA LEU A 275 -9.77 -19.11 -10.92
C LEU A 275 -11.14 -19.68 -10.56
N LYS A 276 -11.23 -20.85 -9.95
CA LYS A 276 -12.57 -21.38 -9.74
C LYS A 276 -13.11 -21.11 -8.34
N GLU A 277 -12.23 -20.94 -7.35
CA GLU A 277 -12.75 -20.60 -6.02
C GLU A 277 -13.31 -19.18 -5.98
N CYS A 278 -12.61 -18.21 -6.59
CA CYS A 278 -13.11 -16.83 -6.59
C CYS A 278 -14.43 -16.69 -7.36
N CYS A 279 -14.64 -17.52 -8.39
CA CYS A 279 -15.81 -17.38 -9.25
C CYS A 279 -17.05 -18.07 -8.70
N GLU A 280 -16.88 -18.97 -7.73
CA GLU A 280 -17.99 -19.53 -6.98
C GLU A 280 -18.34 -18.70 -5.74
N LYS A 281 -17.64 -17.57 -5.51
CA LYS A 281 -17.85 -16.67 -4.37
C LYS A 281 -18.89 -15.59 -4.72
N PRO A 282 -19.47 -14.93 -3.71
CA PRO A 282 -20.53 -13.95 -3.98
C PRO A 282 -19.99 -12.75 -4.75
N LEU A 283 -20.92 -11.95 -5.27
CA LEU A 283 -20.52 -10.82 -6.10
C LEU A 283 -19.53 -9.93 -5.35
N LEU A 284 -19.76 -9.71 -4.07
CA LEU A 284 -18.92 -8.80 -3.32
C LEU A 284 -17.47 -9.29 -3.23
N GLU A 285 -17.27 -10.58 -2.95
CA GLU A 285 -15.92 -11.08 -2.79
C GLU A 285 -15.27 -11.53 -4.08
N LYS A 286 -16.02 -11.64 -5.18
CA LYS A 286 -15.52 -12.13 -6.45
C LYS A 286 -14.29 -11.35 -6.89
N SER A 287 -14.46 -10.06 -7.23
CA SER A 287 -13.32 -9.29 -7.69
C SER A 287 -12.26 -9.15 -6.60
N HIS A 288 -12.67 -9.10 -5.34
CA HIS A 288 -11.71 -9.17 -4.24
C HIS A 288 -10.82 -10.40 -4.38
N CYS A 289 -11.42 -11.56 -4.63
CA CYS A 289 -10.63 -12.78 -4.75
C CYS A 289 -9.80 -12.80 -6.04
N ILE A 290 -10.42 -12.44 -7.17
CA ILE A 290 -9.68 -12.46 -8.42
C ILE A 290 -8.48 -11.52 -8.38
N ALA A 291 -8.60 -10.40 -7.67
CA ALA A 291 -7.48 -9.47 -7.59
C ALA A 291 -6.25 -10.12 -6.99
N GLU A 292 -6.44 -11.13 -6.13
CA GLU A 292 -5.36 -11.70 -5.33
C GLU A 292 -5.06 -13.15 -5.69
N VAL A 293 -5.41 -13.56 -6.91
CA VAL A 293 -5.26 -14.96 -7.32
C VAL A 293 -3.78 -15.27 -7.57
N GLU A 294 -3.38 -16.50 -7.31
CA GLU A 294 -2.01 -16.90 -7.59
C GLU A 294 -1.79 -16.97 -9.09
N ASN A 295 -0.54 -16.78 -9.49
CA ASN A 295 -0.18 -16.82 -10.92
C ASN A 295 -0.47 -18.23 -11.44
N ASP A 296 -1.06 -18.32 -12.62
CA ASP A 296 -1.28 -19.66 -13.24
C ASP A 296 0.07 -20.23 -13.66
N GLU A 297 0.13 -21.53 -13.91
CA GLU A 297 1.38 -22.15 -14.37
C GLU A 297 1.68 -21.61 -15.78
N MET A 298 2.96 -21.42 -16.08
CA MET A 298 3.34 -20.95 -17.43
C MET A 298 3.19 -22.12 -18.39
N PRO A 299 2.81 -21.90 -19.66
CA PRO A 299 2.78 -22.98 -20.64
C PRO A 299 4.16 -23.65 -20.63
N ALA A 300 4.21 -24.98 -20.51
CA ALA A 300 5.48 -25.73 -20.35
C ALA A 300 6.73 -25.59 -21.21
N ASP A 301 6.63 -25.89 -22.50
CA ASP A 301 7.77 -25.57 -23.39
C ASP A 301 7.46 -24.28 -24.12
N LEU A 302 7.96 -23.16 -23.58
CA LEU A 302 7.75 -21.86 -24.24
C LEU A 302 9.00 -21.56 -25.09
N PRO A 303 8.92 -21.10 -26.38
CA PRO A 303 10.14 -20.82 -27.12
C PRO A 303 10.96 -19.64 -26.58
N SER A 304 12.19 -19.52 -27.06
CA SER A 304 13.02 -18.36 -26.67
C SER A 304 12.42 -17.11 -27.30
N LEU A 305 12.53 -15.98 -26.62
CA LEU A 305 11.94 -14.72 -27.12
C LEU A 305 12.83 -14.18 -28.22
N ALA A 306 13.95 -14.85 -28.50
CA ALA A 306 14.85 -14.27 -29.48
C ALA A 306 14.35 -14.42 -30.93
N ALA A 307 13.38 -15.31 -31.18
CA ALA A 307 12.89 -15.47 -32.55
C ALA A 307 12.04 -14.28 -32.99
N ASP A 308 10.96 -14.00 -32.24
CA ASP A 308 10.05 -12.94 -32.61
C ASP A 308 10.66 -11.56 -32.42
N PHE A 309 11.72 -11.43 -31.61
CA PHE A 309 12.23 -10.13 -31.22
C PHE A 309 13.68 -9.84 -31.59
N VAL A 310 14.49 -10.86 -31.94
CA VAL A 310 15.86 -10.66 -32.39
C VAL A 310 16.08 -11.25 -33.79
N GLU A 311 15.72 -12.52 -33.99
CA GLU A 311 16.17 -13.26 -35.16
C GLU A 311 15.22 -13.19 -36.35
N SER A 312 13.91 -13.05 -36.13
CA SER A 312 13.00 -12.77 -37.24
C SER A 312 13.46 -11.54 -38.01
N LYS A 313 13.29 -11.58 -39.34
CA LYS A 313 13.65 -10.45 -40.18
C LYS A 313 12.60 -9.35 -40.15
N ASP A 314 11.39 -9.67 -39.73
CA ASP A 314 10.27 -8.76 -39.79
C ASP A 314 10.10 -7.91 -38.54
N VAL A 315 11.07 -7.90 -37.62
CA VAL A 315 10.80 -7.25 -36.34
C VAL A 315 10.69 -5.74 -36.53
N CYS A 316 11.59 -5.17 -37.33
CA CYS A 316 11.62 -3.72 -37.44
C CYS A 316 10.35 -3.16 -38.06
N LYS A 317 9.70 -3.92 -38.94
CA LYS A 317 8.48 -3.40 -39.53
C LYS A 317 7.23 -3.82 -38.75
N ASN A 318 7.21 -5.01 -38.17
CA ASN A 318 6.16 -5.33 -37.22
C ASN A 318 6.15 -4.34 -36.08
N TYR A 319 7.33 -3.87 -35.69
CA TYR A 319 7.40 -2.86 -34.65
C TYR A 319 6.84 -1.54 -35.14
N ALA A 320 7.47 -0.96 -36.17
CA ALA A 320 7.04 0.33 -36.71
C ALA A 320 5.60 0.31 -37.21
N GLU A 321 5.07 -0.86 -37.58
CA GLU A 321 3.66 -0.98 -37.94
C GLU A 321 2.75 -0.46 -36.84
N ALA A 322 3.10 -0.79 -35.59
CA ALA A 322 2.28 -0.46 -34.43
C ALA A 322 3.24 -0.56 -33.21
N LYS A 323 3.92 0.55 -32.90
CA LYS A 323 5.06 0.48 -32.00
C LYS A 323 4.64 -0.01 -30.63
N ASP A 324 3.59 0.59 -30.07
CA ASP A 324 3.15 0.24 -28.73
C ASP A 324 2.63 -1.19 -28.65
N VAL A 325 1.86 -1.64 -29.64
CA VAL A 325 1.37 -3.02 -29.58
C VAL A 325 2.52 -3.99 -29.66
N PHE A 326 3.51 -3.71 -30.51
CA PHE A 326 4.68 -4.59 -30.54
C PHE A 326 5.38 -4.60 -29.19
N LEU A 327 5.58 -3.43 -28.58
CA LEU A 327 6.23 -3.39 -27.27
C LEU A 327 5.42 -4.11 -26.19
N GLY A 328 4.08 -4.03 -26.27
CA GLY A 328 3.24 -4.78 -25.36
C GLY A 328 3.30 -6.28 -25.57
N MET A 329 3.60 -6.71 -26.81
CA MET A 329 3.77 -8.13 -27.07
C MET A 329 5.11 -8.62 -26.59
N PHE A 330 6.15 -7.78 -26.73
CA PHE A 330 7.41 -8.04 -26.05
C PHE A 330 7.17 -8.19 -24.56
N LEU A 331 6.40 -7.28 -24.00
CA LEU A 331 6.26 -7.20 -22.55
C LEU A 331 5.52 -8.42 -22.03
N TYR A 332 4.48 -8.86 -22.76
CA TYR A 332 3.66 -9.99 -22.34
C TYR A 332 4.41 -11.32 -22.43
N GLU A 333 5.23 -11.49 -23.47
CA GLU A 333 5.99 -12.73 -23.56
C GLU A 333 7.09 -12.78 -22.50
N TYR A 334 7.76 -11.66 -22.26
CA TYR A 334 8.80 -11.63 -21.23
C TYR A 334 8.22 -11.83 -19.84
N ALA A 335 6.99 -11.34 -19.60
CA ALA A 335 6.42 -11.32 -18.26
C ALA A 335 5.82 -12.67 -17.88
N ARG A 336 5.02 -13.26 -18.78
CA ARG A 336 4.45 -14.58 -18.59
C ARG A 336 5.52 -15.61 -18.27
N ARG A 337 6.74 -15.36 -18.69
CA ARG A 337 7.87 -16.23 -18.40
C ARG A 337 8.57 -15.88 -17.09
N HIS A 338 8.31 -14.71 -16.52
CA HIS A 338 9.06 -14.21 -15.37
C HIS A 338 8.13 -13.64 -14.30
N PRO A 339 7.40 -14.50 -13.59
CA PRO A 339 6.69 -14.06 -12.41
C PRO A 339 7.61 -13.90 -11.20
N ASP A 340 8.90 -14.21 -11.38
CA ASP A 340 9.96 -13.93 -10.43
C ASP A 340 10.52 -12.52 -10.58
N TYR A 341 9.94 -11.71 -11.45
CA TYR A 341 10.44 -10.36 -11.69
C TYR A 341 9.44 -9.37 -11.14
N SER A 342 9.95 -8.21 -10.76
CA SER A 342 9.08 -7.12 -10.43
C SER A 342 8.59 -6.48 -11.73
N VAL A 343 7.34 -5.99 -11.68
CA VAL A 343 6.76 -5.34 -12.83
C VAL A 343 7.70 -4.28 -13.39
N VAL A 344 8.19 -3.39 -12.52
CA VAL A 344 9.06 -2.29 -12.94
C VAL A 344 10.35 -2.80 -13.55
N LEU A 345 10.80 -4.00 -13.19
CA LEU A 345 11.94 -4.56 -13.91
C LEU A 345 11.55 -4.86 -15.35
N LEU A 346 10.38 -5.48 -15.54
CA LEU A 346 9.91 -5.79 -16.88
C LEU A 346 9.68 -4.53 -17.70
N LEU A 347 9.27 -3.42 -17.07
CA LEU A 347 9.17 -2.14 -17.77
C LEU A 347 10.55 -1.59 -18.13
N ARG A 348 11.55 -1.78 -17.28
CA ARG A 348 12.91 -1.41 -17.67
C ARG A 348 13.35 -2.16 -18.93
N LEU A 349 12.98 -3.43 -19.04
CA LEU A 349 13.42 -4.27 -20.14
C LEU A 349 12.73 -3.87 -21.43
N ALA A 350 11.40 -3.70 -21.37
CA ALA A 350 10.65 -3.30 -22.57
C ALA A 350 11.10 -1.93 -23.06
N LYS A 351 11.35 -1.03 -22.12
CA LYS A 351 11.90 0.29 -22.45
C LYS A 351 13.31 0.17 -23.03
N THR A 352 14.09 -0.83 -22.60
CA THR A 352 15.44 -0.98 -23.14
C THR A 352 15.41 -1.57 -24.54
N TYR A 353 14.58 -2.60 -24.73
CA TYR A 353 14.24 -3.06 -26.07
C TYR A 353 13.84 -1.87 -26.94
N GLU A 354 12.84 -1.11 -26.49
CA GLU A 354 12.31 0.00 -27.28
C GLU A 354 13.40 0.97 -27.68
N THR A 355 14.23 1.38 -26.73
CA THR A 355 15.31 2.31 -27.05
C THR A 355 16.27 1.72 -28.07
N THR A 356 16.50 0.42 -27.99
CA THR A 356 17.36 -0.27 -28.94
C THR A 356 16.72 -0.37 -30.34
N LEU A 357 15.39 -0.48 -30.42
CA LEU A 357 14.72 -0.65 -31.72
C LEU A 357 14.64 0.66 -32.51
N GLU A 358 14.46 1.79 -31.86
CA GLU A 358 14.47 3.04 -32.61
C GLU A 358 15.86 3.34 -33.17
N LYS A 359 16.88 3.02 -32.38
CA LYS A 359 18.26 3.17 -32.83
C LYS A 359 18.55 2.21 -33.96
N CYS A 360 18.15 0.95 -33.82
CA CYS A 360 18.60 -0.09 -34.73
C CYS A 360 17.75 -0.20 -36.00
N CYS A 361 16.44 0.07 -35.94
CA CYS A 361 15.59 -0.01 -37.11
C CYS A 361 15.75 1.19 -38.03
N ALA A 362 16.61 2.15 -37.68
CA ALA A 362 17.10 3.15 -38.62
C ALA A 362 18.35 2.70 -39.39
N ALA A 363 19.08 1.72 -38.84
CA ALA A 363 20.32 1.26 -39.46
C ALA A 363 20.02 0.47 -40.73
N ALA A 364 21.09 0.26 -41.51
CA ALA A 364 21.00 -0.61 -42.68
C ALA A 364 20.89 -2.08 -42.27
N ASP A 365 21.70 -2.49 -41.30
CA ASP A 365 21.74 -3.86 -40.83
C ASP A 365 21.16 -3.90 -39.41
N PRO A 366 19.84 -3.77 -39.25
CA PRO A 366 19.30 -3.66 -37.87
C PRO A 366 19.51 -4.93 -37.08
N HIS A 367 19.30 -6.10 -37.71
CA HIS A 367 19.47 -7.36 -36.98
C HIS A 367 20.89 -7.49 -36.44
N GLU A 368 21.86 -6.99 -37.19
CA GLU A 368 23.23 -6.89 -36.70
C GLU A 368 23.33 -5.90 -35.55
N CYS A 369 22.53 -4.85 -35.60
CA CYS A 369 22.66 -3.76 -34.63
C CYS A 369 22.16 -4.17 -33.26
N TYR A 370 21.11 -4.99 -33.18
CA TYR A 370 20.47 -5.28 -31.90
C TYR A 370 20.67 -6.71 -31.42
N ALA A 371 21.58 -7.47 -32.04
CA ALA A 371 21.77 -8.85 -31.62
C ALA A 371 22.33 -8.96 -30.19
N LYS A 372 22.83 -7.87 -29.62
CA LYS A 372 23.27 -7.89 -28.23
C LYS A 372 22.26 -7.23 -27.30
N VAL A 373 21.03 -6.96 -27.75
CA VAL A 373 20.06 -6.32 -26.85
C VAL A 373 19.69 -7.27 -25.71
N PHE A 374 19.54 -8.57 -26.00
CA PHE A 374 19.15 -9.50 -24.97
C PHE A 374 20.26 -9.67 -23.94
N ASP A 375 21.52 -9.51 -24.37
CA ASP A 375 22.64 -9.36 -23.43
C ASP A 375 22.42 -8.15 -22.51
N GLU A 376 21.81 -7.09 -23.05
CA GLU A 376 21.66 -5.83 -22.34
C GLU A 376 20.72 -5.96 -21.13
N PHE A 377 19.74 -6.87 -21.20
CA PHE A 377 18.75 -6.96 -20.13
C PHE A 377 19.37 -7.41 -18.82
N LYS A 378 20.40 -8.23 -18.90
CA LYS A 378 20.87 -9.01 -17.77
C LYS A 378 21.52 -8.20 -16.62
N PRO A 379 22.13 -7.01 -16.85
CA PRO A 379 22.56 -6.23 -15.68
C PRO A 379 21.41 -5.47 -15.05
N LEU A 380 20.42 -5.10 -15.87
CA LEU A 380 19.18 -4.59 -15.31
C LEU A 380 18.52 -5.62 -14.40
N VAL A 381 18.55 -6.89 -14.81
CA VAL A 381 17.98 -7.97 -14.01
C VAL A 381 18.85 -8.22 -12.80
N GLU A 382 20.17 -8.18 -12.98
CA GLU A 382 21.09 -8.50 -11.90
C GLU A 382 21.03 -7.48 -10.76
N GLU A 383 20.78 -6.20 -11.06
CA GLU A 383 20.86 -5.17 -10.00
C GLU A 383 19.90 -5.42 -8.85
N PRO A 384 18.57 -5.50 -9.05
CA PRO A 384 17.70 -5.69 -7.88
C PRO A 384 17.78 -7.09 -7.28
N GLN A 385 18.05 -8.14 -8.08
CA GLN A 385 18.24 -9.45 -7.48
C GLN A 385 19.38 -9.43 -6.45
N ASN A 386 20.41 -8.62 -6.69
CA ASN A 386 21.61 -8.65 -5.85
C ASN A 386 21.43 -7.81 -4.60
N LEU A 387 20.88 -6.60 -4.72
CA LEU A 387 20.53 -5.82 -3.55
CA LEU A 387 20.63 -5.87 -3.50
C LEU A 387 19.58 -6.59 -2.65
N ILE A 388 18.76 -7.47 -3.23
CA ILE A 388 17.88 -8.30 -2.43
C ILE A 388 18.67 -9.44 -1.79
N LYS A 389 19.46 -10.15 -2.59
CA LYS A 389 20.36 -11.18 -2.06
C LYS A 389 21.17 -10.64 -0.89
N GLN A 390 21.77 -9.45 -1.06
CA GLN A 390 22.62 -8.85 -0.05
C GLN A 390 21.83 -8.47 1.19
N ASN A 391 20.68 -7.83 1.01
CA ASN A 391 19.96 -7.36 2.18
C ASN A 391 19.24 -8.47 2.90
N CYS A 392 18.89 -9.56 2.23
CA CYS A 392 18.27 -10.68 2.95
C CYS A 392 19.27 -11.52 3.72
N GLU A 393 20.53 -11.59 3.27
CA GLU A 393 21.54 -12.25 4.08
C GLU A 393 21.95 -11.40 5.28
N LEU A 394 21.89 -10.07 5.14
CA LEU A 394 22.06 -9.18 6.29
C LEU A 394 21.01 -9.47 7.34
N PHE A 395 19.75 -9.31 6.96
CA PHE A 395 18.61 -9.67 7.81
C PHE A 395 18.79 -11.03 8.47
N GLU A 396 19.34 -12.01 7.74
CA GLU A 396 19.50 -13.36 8.27
C GLU A 396 20.60 -13.44 9.33
N GLN A 397 21.56 -12.51 9.30
CA GLN A 397 22.66 -12.47 10.24
C GLN A 397 22.37 -11.59 11.42
N LEU A 398 21.43 -10.65 11.30
CA LEU A 398 21.15 -9.66 12.33
C LEU A 398 19.80 -9.81 13.01
N GLY A 399 18.86 -10.55 12.42
CA GLY A 399 17.50 -10.54 12.96
C GLY A 399 16.85 -9.20 12.71
N GLU A 400 15.52 -9.11 12.86
CA GLU A 400 14.79 -7.93 12.41
C GLU A 400 15.35 -6.64 13.02
N TYR A 401 15.40 -6.57 14.35
CA TYR A 401 15.71 -5.32 15.05
C TYR A 401 17.10 -4.80 14.69
N LYS A 402 18.12 -5.66 14.81
CA LYS A 402 19.47 -5.20 14.52
C LYS A 402 19.61 -4.81 13.05
N PHE A 403 18.93 -5.54 12.14
CA PHE A 403 18.87 -5.16 10.71
C PHE A 403 18.27 -3.76 10.54
N GLN A 404 17.15 -3.47 11.23
CA GLN A 404 16.58 -2.13 11.18
C GLN A 404 17.59 -1.06 11.61
N ASN A 405 18.47 -1.36 12.57
CA ASN A 405 19.48 -0.36 12.96
C ASN A 405 20.56 -0.21 11.89
N ALA A 406 20.92 -1.30 11.23
CA ALA A 406 21.81 -1.19 10.07
C ALA A 406 21.26 -0.18 9.06
N LEU A 407 19.95 -0.28 8.75
CA LEU A 407 19.32 0.64 7.80
C LEU A 407 19.29 2.06 8.33
N LEU A 408 19.07 2.25 9.64
CA LEU A 408 19.06 3.59 10.24
C LEU A 408 20.36 4.33 9.98
N VAL A 409 21.50 3.68 10.23
CA VAL A 409 22.79 4.30 9.96
C VAL A 409 22.92 4.62 8.47
N ARG A 410 22.52 3.66 7.62
CA ARG A 410 22.68 3.80 6.16
C ARG A 410 21.93 5.01 5.62
N TYR A 411 20.66 5.14 5.97
CA TYR A 411 19.83 6.20 5.41
C TYR A 411 20.00 7.54 6.15
N THR A 412 20.39 7.53 7.44
CA THR A 412 20.74 8.78 8.10
C THR A 412 21.95 9.41 7.45
N LYS A 413 22.96 8.59 7.13
CA LYS A 413 24.15 9.11 6.44
C LYS A 413 23.81 9.55 5.00
N LYS A 414 22.94 8.80 4.31
CA LYS A 414 22.54 9.19 2.96
C LYS A 414 21.76 10.50 2.95
N VAL A 415 20.81 10.65 3.89
CA VAL A 415 19.94 11.83 3.90
C VAL A 415 19.84 12.41 5.31
N PRO A 416 20.93 12.95 5.87
CA PRO A 416 20.93 13.46 7.25
C PRO A 416 19.84 14.46 7.59
N GLN A 417 19.31 15.17 6.61
CA GLN A 417 18.45 16.31 6.83
C GLN A 417 17.01 15.93 7.17
N VAL A 418 16.68 14.65 7.19
CA VAL A 418 15.30 14.18 7.41
C VAL A 418 14.99 14.19 8.90
N SER A 419 13.73 14.45 9.25
CA SER A 419 13.31 14.37 10.64
C SER A 419 13.65 12.99 11.19
N THR A 420 14.04 12.95 12.47
CA THR A 420 14.49 11.71 13.08
C THR A 420 13.35 10.72 13.35
N PRO A 421 12.13 11.16 13.72
CA PRO A 421 11.00 10.20 13.74
C PRO A 421 10.76 9.55 12.41
N THR A 422 10.82 10.33 11.32
CA THR A 422 10.60 9.78 9.98
C THR A 422 11.69 8.79 9.60
N LEU A 423 12.96 9.12 9.91
CA LEU A 423 14.03 8.16 9.71
C LEU A 423 13.75 6.85 10.45
N VAL A 424 13.18 6.94 11.67
CA VAL A 424 12.89 5.74 12.44
C VAL A 424 11.70 4.98 11.85
N GLU A 425 10.61 5.69 11.49
CA GLU A 425 9.44 5.02 10.94
C GLU A 425 9.75 4.28 9.65
N VAL A 426 10.62 4.84 8.82
CA VAL A 426 10.86 4.23 7.52
C VAL A 426 11.85 3.08 7.64
N SER A 427 12.89 3.24 8.47
CA SER A 427 13.83 2.14 8.66
C SER A 427 13.19 0.97 9.40
N ARG A 428 12.24 1.27 10.29
CA ARG A 428 11.43 0.22 10.91
C ARG A 428 10.53 -0.45 9.88
N ASN A 429 9.97 0.32 8.95
CA ASN A 429 9.11 -0.30 7.94
C ASN A 429 9.91 -1.21 7.02
N LEU A 430 11.07 -0.73 6.55
CA LEU A 430 11.89 -1.51 5.63
C LEU A 430 12.32 -2.82 6.25
N GLY A 431 12.55 -2.82 7.56
CA GLY A 431 12.93 -4.06 8.23
C GLY A 431 11.80 -5.06 8.24
N LYS A 432 10.56 -4.58 8.41
CA LYS A 432 9.39 -5.43 8.22
C LYS A 432 9.24 -5.88 6.76
N VAL A 433 9.65 -5.06 5.79
CA VAL A 433 9.65 -5.53 4.42
C VAL A 433 10.61 -6.70 4.28
N GLY A 434 11.81 -6.56 4.85
CA GLY A 434 12.76 -7.67 4.80
C GLY A 434 12.27 -8.89 5.55
N SER A 435 11.50 -8.70 6.62
CA SER A 435 10.98 -9.84 7.35
C SER A 435 9.92 -10.57 6.55
N LYS A 436 9.00 -9.81 5.95
CA LYS A 436 7.99 -10.42 5.09
C LYS A 436 8.64 -11.14 3.92
N CYS A 437 9.47 -10.42 3.16
CA CYS A 437 9.84 -10.89 1.83
C CYS A 437 10.97 -11.90 1.85
N CYS A 438 11.92 -11.79 2.78
CA CYS A 438 13.02 -12.74 2.72
C CYS A 438 12.61 -14.15 3.13
N LYS A 439 11.39 -14.34 3.60
CA LYS A 439 10.79 -15.65 3.81
C LYS A 439 10.31 -16.31 2.51
N HIS A 440 10.29 -15.59 1.36
CA HIS A 440 10.13 -16.26 0.07
C HIS A 440 11.45 -16.79 -0.45
N PRO A 441 11.41 -17.76 -1.36
CA PRO A 441 12.62 -18.12 -2.10
C PRO A 441 12.92 -17.03 -3.11
N GLU A 442 14.07 -17.17 -3.77
CA GLU A 442 14.49 -16.17 -4.75
C GLU A 442 13.40 -15.93 -5.80
N ALA A 443 12.73 -17.00 -6.22
CA ALA A 443 11.77 -16.86 -7.32
C ALA A 443 10.60 -15.94 -6.97
N LYS A 444 10.31 -15.69 -5.68
CA LYS A 444 9.21 -14.79 -5.36
C LYS A 444 9.68 -13.56 -4.59
N ARG A 445 10.99 -13.37 -4.41
CA ARG A 445 11.43 -12.27 -3.56
C ARG A 445 11.16 -10.92 -4.20
N MET A 446 11.32 -10.82 -5.55
CA MET A 446 11.33 -9.51 -6.16
C MET A 446 9.90 -8.97 -6.27
N PRO A 447 8.90 -9.79 -6.54
CA PRO A 447 7.54 -9.25 -6.49
C PRO A 447 7.15 -8.81 -5.09
N CYS A 448 7.47 -9.60 -4.08
CA CYS A 448 7.23 -9.17 -2.71
C CYS A 448 7.83 -7.77 -2.45
N ALA A 449 9.13 -7.61 -2.67
CA ALA A 449 9.80 -6.33 -2.39
C ALA A 449 9.11 -5.17 -3.09
N GLU A 450 8.86 -5.29 -4.39
CA GLU A 450 8.21 -4.19 -5.12
C GLU A 450 6.85 -3.88 -4.51
N ASP A 451 6.13 -4.92 -4.13
CA ASP A 451 4.80 -4.77 -3.57
C ASP A 451 4.80 -3.90 -2.32
N TYR A 452 5.74 -4.13 -1.41
CA TYR A 452 5.84 -3.38 -0.16
C TYR A 452 6.67 -2.12 -0.29
N LEU A 453 7.75 -2.17 -1.07
CA LEU A 453 8.59 -1.00 -1.24
C LEU A 453 7.81 0.15 -1.85
N SER A 454 6.92 -0.15 -2.79
CA SER A 454 6.32 0.89 -3.58
C SER A 454 5.38 1.72 -2.75
N VAL A 455 4.84 1.14 -1.68
CA VAL A 455 4.04 1.93 -0.76
C VAL A 455 4.93 2.67 0.23
N VAL A 456 5.93 1.99 0.79
CA VAL A 456 6.90 2.70 1.61
C VAL A 456 7.51 3.85 0.84
N LEU A 457 7.89 3.60 -0.42
CA LEU A 457 8.56 4.63 -1.20
C LEU A 457 7.60 5.73 -1.58
N ASN A 458 6.32 5.42 -1.78
CA ASN A 458 5.35 6.50 -2.09
C ASN A 458 4.92 7.26 -0.83
N GLN A 459 4.72 6.56 0.28
CA GLN A 459 4.35 7.25 1.55
C GLN A 459 5.49 8.20 1.94
N LEU A 460 6.72 7.82 1.61
CA LEU A 460 7.91 8.66 1.89
C LEU A 460 7.81 9.90 1.02
N CYS A 461 7.36 9.74 -0.22
CA CYS A 461 7.35 10.87 -1.18
C CYS A 461 6.18 11.83 -0.92
N VAL A 462 5.02 11.33 -0.52
CA VAL A 462 3.94 12.25 -0.20
C VAL A 462 4.28 13.04 1.06
N LEU A 463 4.99 12.41 2.01
CA LEU A 463 5.47 13.11 3.18
C LEU A 463 6.51 14.16 2.83
N HIS A 464 7.31 13.91 1.79
CA HIS A 464 8.41 14.85 1.47
C HIS A 464 7.86 16.11 0.79
N GLU A 465 6.86 15.97 -0.05
CA GLU A 465 6.33 17.14 -0.79
C GLU A 465 5.69 18.08 0.23
N LYS A 466 5.27 17.53 1.37
CA LYS A 466 4.62 18.34 2.43
C LYS A 466 5.69 19.09 3.22
N THR A 467 6.72 18.38 3.67
CA THR A 467 7.82 19.02 4.42
C THR A 467 9.14 18.74 3.70
N PRO A 468 9.49 19.46 2.62
CA PRO A 468 10.70 19.17 1.86
C PRO A 468 11.97 19.39 2.67
N VAL A 469 13.00 18.57 2.58
CA VAL A 469 14.26 18.67 3.36
C VAL A 469 15.46 18.36 2.45
N SER A 470 15.20 17.55 1.27
CA SER A 470 16.34 17.13 0.42
C SER A 470 15.99 17.18 -1.07
N ASP A 471 16.84 17.82 -1.86
CA ASP A 471 16.63 17.89 -3.33
C ASP A 471 16.81 16.49 -3.92
N ARG A 472 17.59 15.64 -3.26
CA ARG A 472 17.90 14.31 -3.83
C ARG A 472 16.72 13.38 -3.57
N VAL A 473 15.81 13.79 -2.69
CA VAL A 473 14.63 12.98 -2.43
C VAL A 473 13.52 13.51 -3.35
N THR A 474 13.56 14.80 -3.64
CA THR A 474 12.65 15.37 -4.62
C THR A 474 12.93 14.82 -6.01
N LYS A 475 14.22 14.68 -6.35
CA LYS A 475 14.60 14.12 -7.64
C LYS A 475 13.98 12.74 -7.84
N CYS A 476 14.25 11.83 -6.90
CA CYS A 476 13.80 10.45 -7.01
C CYS A 476 12.28 10.32 -7.00
N CYS A 477 11.60 11.18 -6.24
CA CYS A 477 10.13 11.20 -6.14
C CYS A 477 9.46 11.79 -7.38
N THR A 478 10.20 12.50 -8.25
CA THR A 478 9.69 13.12 -9.46
C THR A 478 10.20 12.42 -10.73
N GLU A 479 10.84 11.26 -10.58
CA GLU A 479 11.36 10.58 -11.75
C GLU A 479 10.35 9.55 -12.28
N SER A 480 10.71 8.89 -13.37
CA SER A 480 9.78 7.94 -13.98
C SER A 480 9.61 6.73 -13.06
N LEU A 481 8.45 6.07 -13.17
CA LEU A 481 8.18 4.86 -12.41
C LEU A 481 9.34 3.89 -12.43
N VAL A 482 10.06 3.83 -13.53
CA VAL A 482 11.09 2.83 -13.73
C VAL A 482 12.37 3.25 -13.06
N ASN A 483 12.53 4.55 -12.82
CA ASN A 483 13.72 5.12 -12.21
C ASN A 483 13.54 5.46 -10.74
N ARG A 484 12.34 5.27 -10.18
CA ARG A 484 12.10 5.68 -8.80
C ARG A 484 13.04 4.94 -7.84
N ARG A 485 12.93 3.61 -7.77
CA ARG A 485 13.78 2.85 -6.85
C ARG A 485 15.27 2.99 -7.18
N PRO A 486 15.75 2.72 -8.40
CA PRO A 486 17.20 2.85 -8.66
C PRO A 486 17.75 4.23 -8.33
N CYS A 487 16.91 5.27 -8.34
CA CYS A 487 17.33 6.59 -7.87
C CYS A 487 17.66 6.54 -6.38
N PHE A 488 16.74 5.99 -5.58
CA PHE A 488 16.94 5.85 -4.14
C PHE A 488 18.14 4.99 -3.81
N SER A 489 18.31 3.91 -4.58
CA SER A 489 19.43 2.98 -4.36
C SER A 489 20.75 3.64 -4.73
N ALA A 490 20.70 4.80 -5.39
CA ALA A 490 21.94 5.46 -5.86
C ALA A 490 22.26 6.67 -4.98
N LEU A 491 21.39 6.97 -4.03
CA LEU A 491 21.70 8.08 -3.08
C LEU A 491 23.00 7.69 -2.37
N GLU A 492 23.94 8.62 -2.30
CA GLU A 492 25.23 8.34 -1.64
C GLU A 492 25.28 9.12 -0.33
N VAL A 493 26.40 9.07 0.37
CA VAL A 493 26.50 9.76 1.68
C VAL A 493 26.61 11.27 1.45
N ASP A 494 25.76 12.06 2.11
CA ASP A 494 25.84 13.53 2.00
C ASP A 494 27.22 13.83 2.57
N GLU A 495 28.12 14.36 1.74
CA GLU A 495 29.48 14.70 2.20
C GLU A 495 29.46 16.23 2.33
N THR A 496 28.32 16.84 2.00
CA THR A 496 28.19 18.31 2.12
C THR A 496 27.49 18.63 3.43
N TYR A 497 27.10 17.60 4.18
CA TYR A 497 26.36 17.81 5.46
C TYR A 497 27.30 18.34 6.54
N VAL A 498 26.80 19.27 7.35
CA VAL A 498 27.61 19.76 8.50
C VAL A 498 27.13 19.05 9.76
N PRO A 499 27.97 18.41 10.64
CA PRO A 499 27.43 17.69 11.80
C PRO A 499 26.46 18.49 12.67
N LYS A 500 25.63 17.79 13.43
CA LYS A 500 24.63 18.42 14.28
C LYS A 500 25.29 18.91 15.56
N GLU A 501 24.84 20.08 16.04
CA GLU A 501 25.29 20.60 17.33
C GLU A 501 24.96 19.60 18.45
N PHE A 502 25.97 19.24 19.22
CA PHE A 502 25.77 18.20 20.23
C PHE A 502 24.92 18.71 21.37
N ASN A 503 23.90 17.96 21.73
CA ASN A 503 22.98 18.35 22.79
C ASN A 503 22.99 17.28 23.87
N ALA A 504 23.22 17.70 25.12
CA ALA A 504 23.39 16.72 26.20
C ALA A 504 22.11 15.96 26.47
N GLU A 505 20.98 16.68 26.58
CA GLU A 505 19.72 16.04 26.96
C GLU A 505 19.36 14.91 26.02
N THR A 506 19.61 15.07 24.71
CA THR A 506 19.21 14.05 23.74
C THR A 506 19.95 12.72 23.95
N PHE A 507 21.10 12.72 24.63
CA PHE A 507 21.78 11.45 24.92
C PHE A 507 21.75 11.07 26.40
N THR A 508 20.86 11.64 27.20
CA THR A 508 20.66 11.21 28.58
C THR A 508 19.39 10.38 28.72
N PHE A 509 19.48 9.34 29.56
CA PHE A 509 18.46 8.30 29.66
C PHE A 509 18.03 8.14 31.11
N HIS A 510 16.74 8.39 31.36
CA HIS A 510 16.15 8.35 32.69
C HIS A 510 15.78 6.91 33.04
N ALA A 511 14.97 6.71 34.09
CA ALA A 511 14.66 5.37 34.57
C ALA A 511 13.53 4.70 33.80
N ASP A 512 12.80 5.43 32.96
CA ASP A 512 11.68 4.85 32.22
C ASP A 512 12.13 3.77 31.26
N ILE A 513 13.36 3.84 30.74
CA ILE A 513 13.82 2.93 29.69
C ILE A 513 13.65 1.46 30.09
N CYS A 514 13.65 1.16 31.39
CA CYS A 514 13.40 -0.22 31.78
C CYS A 514 11.92 -0.58 31.74
N THR A 515 11.06 0.34 32.19
CA THR A 515 9.63 0.07 32.40
C THR A 515 8.81 0.21 31.12
N LEU A 516 9.49 0.12 29.97
CA LEU A 516 8.80 0.36 28.69
C LEU A 516 8.64 -0.93 27.88
N SER A 517 7.61 -0.98 27.04
CA SER A 517 7.39 -2.10 26.12
C SER A 517 8.62 -2.32 25.25
N GLU A 518 8.76 -3.57 24.77
CA GLU A 518 9.86 -3.92 23.87
C GLU A 518 9.91 -2.97 22.67
N LYS A 519 8.74 -2.55 22.19
CA LYS A 519 8.70 -1.62 21.08
C LYS A 519 9.26 -0.26 21.47
N GLU A 520 8.52 0.48 22.33
CA GLU A 520 8.94 1.81 22.76
C GLU A 520 10.42 1.87 23.14
N ARG A 521 10.91 0.84 23.83
CA ARG A 521 12.33 0.76 24.17
C ARG A 521 13.20 0.90 22.95
N GLN A 522 12.93 0.05 21.94
CA GLN A 522 13.67 0.09 20.69
C GLN A 522 13.54 1.44 20.01
N ILE A 523 12.36 2.06 20.12
CA ILE A 523 12.15 3.32 19.42
C ILE A 523 13.07 4.38 19.99
N LYS A 524 13.22 4.41 21.32
CA LYS A 524 14.06 5.40 21.98
C LYS A 524 15.54 5.12 21.76
N LYS A 525 15.93 3.84 21.69
CA LYS A 525 17.28 3.52 21.24
C LYS A 525 17.51 3.96 19.79
N GLN A 526 16.53 3.75 18.92
CA GLN A 526 16.73 4.09 17.50
C GLN A 526 16.72 5.59 17.28
N THR A 527 15.86 6.30 18.01
CA THR A 527 15.87 7.77 18.00
C THR A 527 17.25 8.34 18.33
N ALA A 528 17.98 7.68 19.24
CA ALA A 528 19.28 8.17 19.70
C ALA A 528 20.41 7.76 18.76
N LEU A 529 20.34 6.53 18.25
CA LEU A 529 21.22 6.10 17.17
C LEU A 529 21.23 7.13 16.03
N VAL A 530 20.04 7.52 15.55
CA VAL A 530 19.93 8.51 14.48
C VAL A 530 20.63 9.80 14.87
N GLU A 531 20.31 10.31 16.08
CA GLU A 531 20.88 11.60 16.50
C GLU A 531 22.37 11.45 16.75
N LEU A 532 22.80 10.25 17.10
CA LEU A 532 24.24 9.98 17.22
C LEU A 532 24.92 10.09 15.85
N VAL A 533 24.35 9.44 14.82
CA VAL A 533 24.88 9.60 13.46
C VAL A 533 24.76 11.05 12.99
N LYS A 534 23.62 11.68 13.24
CA LYS A 534 23.48 13.08 12.87
C LYS A 534 24.52 13.96 13.53
N HIS A 535 25.10 13.54 14.65
CA HIS A 535 26.17 14.31 15.27
C HIS A 535 27.55 13.77 14.95
N LYS A 536 27.67 12.47 14.70
CA LYS A 536 28.94 11.82 14.39
C LYS A 536 28.85 11.17 13.02
N PRO A 537 28.66 11.97 11.96
CA PRO A 537 28.33 11.36 10.65
C PRO A 537 29.48 10.57 10.07
N LYS A 538 30.71 11.04 10.26
CA LYS A 538 31.91 10.31 9.83
C LYS A 538 32.40 9.31 10.86
N ALA A 539 31.62 8.97 11.89
CA ALA A 539 31.94 7.82 12.72
C ALA A 539 32.00 6.56 11.85
N THR A 540 32.99 5.72 12.09
CA THR A 540 33.09 4.48 11.34
C THR A 540 32.10 3.44 11.89
N LYS A 541 31.97 2.32 11.18
CA LYS A 541 31.12 1.25 11.67
C LYS A 541 31.63 0.73 13.01
N GLU A 542 32.95 0.52 13.11
CA GLU A 542 33.52 -0.05 14.33
C GLU A 542 33.35 0.90 15.53
N GLN A 543 33.72 2.17 15.38
CA GLN A 543 33.42 3.17 16.41
C GLN A 543 31.96 3.11 16.84
N LEU A 544 31.05 3.02 15.88
CA LEU A 544 29.62 2.96 16.23
C LEU A 544 29.30 1.68 16.98
N LYS A 545 29.93 0.57 16.62
CA LYS A 545 29.65 -0.66 17.37
C LYS A 545 30.12 -0.53 18.80
N ALA A 546 31.27 0.15 19.02
CA ALA A 546 31.74 0.39 20.38
C ALA A 546 30.79 1.30 21.15
N VAL A 547 30.30 2.36 20.51
CA VAL A 547 29.39 3.26 21.20
C VAL A 547 28.07 2.57 21.55
N MET A 548 27.51 1.80 20.60
CA MET A 548 26.31 1.03 20.94
C MET A 548 26.62 -0.17 21.83
N ASP A 549 27.86 -0.68 21.82
CA ASP A 549 28.19 -1.79 22.70
C ASP A 549 28.25 -1.32 24.15
N ASP A 550 29.00 -0.23 24.41
CA ASP A 550 29.07 0.35 25.74
C ASP A 550 27.71 0.85 26.21
N PHE A 551 26.89 1.38 25.29
CA PHE A 551 25.55 1.80 25.68
C PHE A 551 24.74 0.63 26.17
N ALA A 552 24.73 -0.46 25.41
CA ALA A 552 23.96 -1.64 25.80
C ALA A 552 24.41 -2.17 27.15
N ALA A 553 25.71 -2.19 27.41
CA ALA A 553 26.20 -2.48 28.75
C ALA A 553 25.60 -1.51 29.77
N PHE A 554 25.60 -0.22 29.43
CA PHE A 554 25.15 0.81 30.36
C PHE A 554 23.70 0.62 30.78
N VAL A 555 22.84 0.09 29.90
CA VAL A 555 21.48 -0.10 30.36
C VAL A 555 21.39 -1.35 31.22
N GLU A 556 22.09 -2.42 30.84
CA GLU A 556 21.98 -3.67 31.59
C GLU A 556 22.62 -3.55 32.97
N LYS A 557 23.59 -2.64 33.15
CA LYS A 557 24.17 -2.43 34.47
C LYS A 557 23.24 -1.60 35.35
N CYS A 558 22.75 -0.47 34.84
CA CYS A 558 21.86 0.40 35.58
C CYS A 558 20.39 0.01 35.44
N CYS A 559 20.10 -1.25 35.15
CA CYS A 559 18.73 -1.77 35.18
C CYS A 559 18.59 -3.06 35.99
N LYS A 560 19.67 -3.83 36.14
CA LYS A 560 19.73 -4.85 37.17
C LYS A 560 20.04 -4.25 38.55
N ALA A 561 20.38 -2.97 38.60
CA ALA A 561 20.94 -2.36 39.80
C ALA A 561 19.84 -1.96 40.79
N ASP A 562 20.21 -1.96 42.08
CA ASP A 562 19.24 -1.64 43.13
C ASP A 562 18.81 -0.19 43.06
N ASP A 563 19.73 0.71 42.74
CA ASP A 563 19.38 2.08 42.38
C ASP A 563 19.40 2.21 40.86
N LYS A 564 18.23 2.42 40.27
CA LYS A 564 18.11 2.69 38.85
C LYS A 564 18.37 4.17 38.56
N GLU A 565 17.50 5.05 39.06
CA GLU A 565 17.47 6.45 38.63
C GLU A 565 18.78 7.20 38.81
N THR A 566 19.78 6.63 39.48
CA THR A 566 21.05 7.33 39.67
C THR A 566 22.24 6.68 38.98
N CYS A 567 22.20 5.38 38.70
CA CYS A 567 23.22 4.80 37.82
C CYS A 567 23.09 5.37 36.41
N PHE A 568 21.84 5.54 35.95
CA PHE A 568 21.59 6.13 34.65
C PHE A 568 22.20 7.53 34.53
N ALA A 569 22.04 8.36 35.57
CA ALA A 569 22.48 9.75 35.51
C ALA A 569 23.97 9.94 35.75
N GLU A 570 24.68 8.89 36.19
CA GLU A 570 26.08 9.00 36.51
C GLU A 570 26.94 8.04 35.70
N GLU A 571 26.56 6.78 35.61
CA GLU A 571 27.22 5.89 34.68
C GLU A 571 26.88 6.25 33.23
N GLY A 572 25.95 7.18 33.03
CA GLY A 572 25.56 7.70 31.74
C GLY A 572 26.34 8.93 31.34
N LYS A 573 26.59 9.81 32.30
CA LYS A 573 27.43 11.00 32.03
C LYS A 573 28.81 10.53 31.61
N LYS A 574 29.25 9.38 32.14
CA LYS A 574 30.53 8.80 31.75
C LYS A 574 30.46 8.24 30.34
N LEU A 575 29.33 7.63 29.97
CA LEU A 575 29.18 7.06 28.65
C LEU A 575 29.20 8.16 27.60
N VAL A 576 28.36 9.18 27.79
CA VAL A 576 28.36 10.37 26.96
C VAL A 576 29.75 10.96 26.83
N ALA A 577 30.52 10.98 27.93
CA ALA A 577 31.84 11.61 27.87
C ALA A 577 32.84 10.70 27.18
N ALA A 578 32.72 9.39 27.41
CA ALA A 578 33.65 8.44 26.76
C ALA A 578 33.36 8.42 25.26
N SER A 579 32.09 8.46 24.89
CA SER A 579 31.69 8.38 23.46
C SER A 579 32.22 9.61 22.71
N GLN A 580 32.08 10.78 23.29
CA GLN A 580 32.50 12.03 22.60
C GLN A 580 33.99 11.95 22.25
N ALA A 581 34.77 11.24 23.05
CA ALA A 581 36.24 11.16 22.83
C ALA A 581 36.57 9.99 21.91
N ALA A 582 35.77 8.92 21.97
CA ALA A 582 35.98 7.77 21.06
C ALA A 582 35.73 8.24 19.63
N LEU A 583 34.70 9.05 19.44
CA LEU A 583 34.45 9.65 18.11
C LEU A 583 35.22 10.96 18.06
N GLY A 584 34.98 11.81 17.05
CA GLY A 584 35.75 13.03 16.92
C GLY A 584 37.26 12.86 16.73
C1 GOL B . -3.62 5.52 6.74
O1 GOL B . -3.45 6.28 7.94
C2 GOL B . -2.66 6.10 5.65
O2 GOL B . -3.19 6.03 4.34
C3 GOL B . -1.32 5.28 5.78
O3 GOL B . -0.63 5.35 4.55
CAB 9IZ C . -12.67 -10.87 1.95
CAC 9IZ C . -13.80 -11.40 2.58
CAD 9IZ C . -13.66 -12.31 3.58
CAE 9IZ C . -12.41 -12.71 3.96
CAF 9IZ C . -11.30 -12.18 3.33
CAG 9IZ C . -9.88 -12.53 3.68
CAH 9IZ C . -9.47 -12.89 4.97
CAI 9IZ C . -8.10 -13.18 5.17
CAJ 9IZ C . -7.20 -13.08 4.08
CAK 9IZ C . -7.73 -12.72 2.84
CAM 9IZ C . -6.91 -12.56 1.56
CAO 9IZ C . -7.78 -12.28 -0.59
CAP 9IZ C . -7.24 -10.36 0.78
CAQ 9IZ C . -9.00 -13.24 -0.70
CAR 9IZ C . -7.93 -9.61 1.96
CAS 9IZ C . -8.85 -14.53 -1.27
CAT 9IZ C . -9.95 -15.36 -1.36
CAU 9IZ C . -11.17 -14.94 -0.90
CAV 9IZ C . -11.33 -13.67 -0.35
CAY 9IZ C . -9.90 -9.12 3.20
CAZ 9IZ C . -9.19 -8.27 4.04
CBA 9IZ C . -7.84 -8.10 3.83
CBB 9IZ C . -7.21 -8.75 2.80
NAA 9IZ C . -11.42 -11.27 2.31
NAL 9IZ C . -9.02 -12.44 2.69
NAN 9IZ C . -7.77 -11.72 0.76
NAW 9IZ C . -10.21 -12.84 -0.23
NAX 9IZ C . -9.27 -9.79 2.17
FE FE D . -9.66 -11.46 1.38
FE FE E . -22.66 -14.19 25.65
FE FE F . 21.97 -14.14 -36.19
FE FE G . 8.87 0.92 -6.86
FE FE H . 14.87 14.25 34.76
C1 PLM I . 12.47 -3.13 -8.48
O1 PLM I . 12.91 -1.95 -8.32
O2 PLM I . 12.53 -3.85 -9.54
C2 PLM I . 11.76 -3.75 -7.23
C3 PLM I . 12.48 -3.60 -5.86
C4 PLM I . 13.87 -4.23 -5.75
C5 PLM I . 14.67 -3.72 -4.53
C6 PLM I . 14.42 -4.52 -3.24
C7 PLM I . 15.50 -4.37 -2.17
C8 PLM I . 15.87 -2.91 -1.84
C9 PLM I . 15.35 -2.47 -0.47
CA PLM I . 16.41 -2.51 0.65
CB PLM I . 15.91 -2.01 2.04
CC PLM I . 15.05 -3.04 2.82
CD PLM I . 15.12 -4.49 2.26
CE PLM I . 13.83 -5.27 2.43
CF PLM I . 13.42 -6.06 1.18
CG PLM I . 14.43 -7.13 0.79
C1 PLM J . 18.58 0.78 -1.13
O1 PLM J . 19.09 1.24 -0.09
O2 PLM J . 19.12 0.48 -2.21
C2 PLM J . 17.05 0.57 -1.03
C3 PLM J . 16.22 1.29 -2.09
C4 PLM J . 14.88 1.84 -1.57
C5 PLM J . 14.99 2.47 -0.20
C6 PLM J . 15.22 4.00 -0.24
C7 PLM J . 14.55 4.80 0.96
C8 PLM J . 15.38 4.86 2.21
C9 PLM J . 15.20 6.18 3.02
CA PLM J . 15.70 7.46 2.32
CB PLM J . 15.44 8.73 3.14
CC PLM J . 14.31 9.62 2.58
CD PLM J . 13.12 9.82 3.54
CE PLM J . 12.41 11.21 3.42
CF PLM J . 10.97 11.19 3.98
CG PLM J . 10.19 12.51 3.81
C1 PLM K . -16.95 -5.47 -6.35
O1 PLM K . -15.96 -4.80 -5.95
O2 PLM K . -16.97 -6.65 -6.86
C2 PLM K . -18.32 -4.73 -6.21
C3 PLM K . -18.97 -4.85 -4.85
C4 PLM K . -20.49 -4.93 -4.90
C5 PLM K . -21.21 -4.08 -3.87
C6 PLM K . -20.75 -2.65 -3.85
C7 PLM K . -21.89 -1.64 -3.72
C8 PLM K . -22.04 -1.11 -2.29
C9 PLM K . -23.50 -1.13 -1.80
CA PLM K . -24.34 -0.01 -2.38
CB PLM K . -25.64 0.24 -1.61
CC PLM K . -26.15 1.70 -1.77
CD PLM K . -25.91 2.62 -0.56
CE PLM K . -26.70 3.94 -0.65
CF PLM K . -28.24 3.77 -0.54
CG PLM K . -28.97 4.95 0.21
C1 PLM L . 21.41 -2.24 21.20
O1 PLM L . 20.17 -2.26 21.53
O2 PLM L . 22.35 -3.00 21.62
C2 PLM L . 21.78 -1.12 20.15
C3 PLM L . 21.12 0.26 20.40
C4 PLM L . 22.06 1.46 20.20
C5 PLM L . 21.53 2.81 20.75
C6 PLM L . 22.30 4.04 20.20
C7 PLM L . 22.37 5.28 21.12
C8 PLM L . 23.71 5.39 21.90
C9 PLM L . 24.15 6.81 22.32
CA PLM L . 25.38 6.77 23.30
CB PLM L . 25.85 8.13 23.90
CC PLM L . 26.27 9.14 22.84
CD PLM L . 26.86 10.44 23.40
CE PLM L . 27.13 11.50 22.32
CF PLM L . 28.35 11.17 21.46
CG PLM L . 28.93 12.38 20.71
C1 PLM M . -3.50 -4.21 -11.30
O1 PLM M . -2.93 -4.66 -12.35
O2 PLM M . -3.41 -3.06 -10.78
C2 PLM M . -4.46 -5.25 -10.55
C3 PLM M . -3.77 -6.48 -9.92
C4 PLM M . -3.54 -7.67 -10.86
C5 PLM M . -4.75 -8.64 -10.93
C6 PLM M . -5.94 -8.09 -11.74
C7 PLM M . -7.23 -8.85 -11.55
C8 PLM M . -8.46 -7.99 -11.70
C9 PLM M . -9.71 -8.56 -11.01
CA PLM M . -11.04 -7.92 -11.44
CB PLM M . -11.24 -6.46 -10.94
CC PLM M . -10.60 -6.16 -9.58
CD PLM M . -10.36 -4.66 -9.30
CE PLM M . -8.90 -4.20 -9.50
CF PLM M . -7.92 -4.74 -8.45
CG PLM M . -8.27 -4.35 -7.00
C1 PLM N . 7.33 7.10 -19.41
O1 PLM N . 7.82 8.17 -18.95
O2 PLM N . 6.30 6.94 -20.16
C2 PLM N . 8.12 5.81 -18.99
C3 PLM N . 7.23 4.60 -18.70
C4 PLM N . 8.00 3.34 -18.36
C5 PLM N . 7.32 2.10 -18.92
C6 PLM N . 7.33 2.04 -20.46
C7 PLM N . 7.98 0.76 -21.01
C8 PLM N . 8.12 0.75 -22.52
C9 PLM N . 7.25 -0.29 -23.17
CA PLM N . 5.95 0.29 -23.72
CB PLM N . 4.83 -0.73 -23.86
CC PLM N . 3.46 -0.07 -23.95
CD PLM N . 2.33 -1.09 -24.02
CE PLM N . 0.93 -0.49 -23.90
CF PLM N . -0.17 -1.55 -24.09
CG PLM N . -1.12 -1.25 -25.29
C1 PLM O . -6.92 0.75 8.92
O1 PLM O . -6.70 1.73 8.17
O2 PLM O . -6.30 0.41 9.98
C2 PLM O . -8.15 -0.18 8.48
C3 PLM O . -9.05 -0.70 9.66
C4 PLM O . -10.55 -1.08 9.30
C5 PLM O . -11.38 -1.62 10.51
C6 PLM O . -12.92 -1.54 10.42
C7 PLM O . -13.64 -2.15 11.66
C8 PLM O . -12.79 -2.09 12.97
C9 PLM O . -13.14 -3.15 14.03
CA PLM O . -11.99 -3.45 15.04
CB PLM O . -11.31 -2.18 15.66
CC PLM O . -9.76 -2.26 15.79
CD PLM O . -9.17 -1.81 17.18
CE PLM O . -8.46 -0.43 17.20
CF PLM O . -7.05 -0.42 16.57
CG PLM O . -6.28 0.89 16.79
S DMS P . -19.29 -6.00 10.46
O DMS P . -19.63 -7.42 10.13
C1 DMS P . -17.86 -5.99 11.58
C2 DMS P . -20.58 -5.30 11.53
S DMS Q . -20.42 4.67 -17.46
O DMS Q . -20.23 4.32 -18.91
C1 DMS Q . -19.66 3.42 -16.38
C2 DMS Q . -19.56 6.19 -16.94
S DMS R . -14.02 4.77 -3.70
O DMS R . -15.11 5.52 -2.97
C1 DMS R . -14.63 4.21 -5.31
C2 DMS R . -12.68 5.89 -4.24
S DMS S . -4.52 -3.73 34.04
O DMS S . -3.26 -4.02 33.27
C1 DMS S . -6.02 -4.42 33.27
C2 DMS S . -4.91 -1.96 34.06
CL CL T . 6.61 5.50 5.00
CL CL U . -3.10 7.94 2.12
CL CL V . 21.56 -12.92 -34.32
CL CL W . 21.70 -14.59 -38.35
CL CL X . -24.24 -13.31 27.34
CL CL Y . -21.26 -16.18 25.38
CL CL Z . 0.38 -1.01 14.40
CL CL AA . 15.10 -15.19 -19.58
CL CL BA . 10.45 -17.85 -12.83
CL CL CA . 18.53 -15.66 -3.49
CL CL DA . 0.35 0.50 -9.37
CL CL EA . -21.86 7.11 -3.96
CL CL FA . -26.22 -9.02 -10.25
CL CL GA . 10.85 14.64 7.49
CL CL HA . 3.10 -7.73 -34.99
CL CL IA . -11.34 -17.73 0.61
#